data_1WE1
#
_entry.id   1WE1
#
_cell.length_a   110.790
_cell.length_b   113.730
_cell.length_c   109.700
_cell.angle_alpha   90.00
_cell.angle_beta   112.26
_cell.angle_gamma   90.00
#
_symmetry.space_group_name_H-M   'C 1 2 1'
#
loop_
_entity.id
_entity.type
_entity.pdbx_description
1 polymer 'Heme oxygenase 1'
2 non-polymer 'PHOSPHATE ION'
3 non-polymer 'CHLORIDE ION'
4 non-polymer 'PROTOPORPHYRIN IX CONTAINING FE'
5 non-polymer 'ISOPROPYL ALCOHOL'
6 water water
#
_entity_poly.entity_id   1
_entity_poly.type   'polypeptide(L)'
_entity_poly.pdbx_seq_one_letter_code
;MSVNLASQLREGTKKSHSMAENVGFVKCFLKGVVEKNSYRKLVGNLYFVYSAMEEEMAKFKDHPILSHIYFPELNRKQSL
EQDLQFYYGSNWRQEVKISAAGQAYVDRVRQVAATAPELLVAHSYTRYLGDLSGGQILKKIAQNAMNLHDGGTAFYEFAD
IDDEKAFKNTYRQAMNDLPIDQATAERIVDEANDAFAMNMKMFNELEGNLIKAIGIMVFNSLTRRRSQGSTEVGLATSEG
;
_entity_poly.pdbx_strand_id   A,B,C,D
#
loop_
_chem_comp.id
_chem_comp.type
_chem_comp.name
_chem_comp.formula
CL non-polymer 'CHLORIDE ION' 'Cl -1'
HEM non-polymer 'PROTOPORPHYRIN IX CONTAINING FE' 'C34 H32 Fe N4 O4'
IPA non-polymer 'ISOPROPYL ALCOHOL' 'C3 H8 O'
PO4 non-polymer 'PHOSPHATE ION' 'O4 P -3'
#
# COMPACT_ATOMS: atom_id res chain seq x y z
N SER A 2 -17.90 8.50 32.68
CA SER A 2 -16.63 8.60 33.46
C SER A 2 -15.92 9.93 33.24
N VAL A 3 -16.03 10.50 32.03
CA VAL A 3 -15.36 11.77 31.70
C VAL A 3 -16.23 12.87 31.05
N ASN A 4 -17.32 12.50 30.38
CA ASN A 4 -18.23 13.46 29.73
C ASN A 4 -17.71 14.05 28.39
N LEU A 5 -17.16 13.17 27.54
CA LEU A 5 -16.63 13.61 26.26
C LEU A 5 -17.66 14.29 25.35
N ALA A 6 -18.94 13.96 25.54
CA ALA A 6 -20.00 14.55 24.73
C ALA A 6 -19.84 16.06 24.61
N SER A 7 -19.59 16.73 25.73
CA SER A 7 -19.43 18.17 25.72
C SER A 7 -18.03 18.58 25.29
N GLN A 8 -17.07 17.68 25.52
CA GLN A 8 -15.69 17.95 25.14
C GLN A 8 -15.57 17.90 23.61
N LEU A 9 -16.26 16.95 22.98
CA LEU A 9 -16.21 16.87 21.52
C LEU A 9 -16.94 18.07 20.95
N ARG A 10 -18.12 18.36 21.49
CA ARG A 10 -18.90 19.49 20.99
C ARG A 10 -18.15 20.82 21.09
N GLU A 11 -17.59 21.12 22.24
CA GLU A 11 -16.88 22.37 22.37
C GLU A 11 -15.57 22.28 21.61
N GLY A 12 -14.95 21.11 21.64
CA GLY A 12 -13.67 20.91 20.97
C GLY A 12 -13.62 20.98 19.45
N THR A 13 -14.75 20.78 18.78
CA THR A 13 -14.79 20.84 17.33
C THR A 13 -15.53 22.10 16.86
N LYS A 14 -15.78 23.02 17.78
CA LYS A 14 -16.47 24.26 17.44
C LYS A 14 -15.78 24.94 16.25
N LYS A 15 -14.50 25.24 16.40
CA LYS A 15 -13.71 25.89 15.37
C LYS A 15 -13.78 25.14 14.02
N SER A 16 -13.40 23.86 14.02
CA SER A 16 -13.41 23.07 12.81
C SER A 16 -14.72 23.08 12.05
N HIS A 17 -15.83 22.90 12.76
CA HIS A 17 -17.14 22.90 12.11
C HIS A 17 -17.36 24.23 11.42
N SER A 18 -16.86 25.29 12.04
CA SER A 18 -16.97 26.63 11.50
C SER A 18 -16.18 26.75 10.17
N MET A 19 -14.98 26.17 10.12
CA MET A 19 -14.18 26.20 8.92
C MET A 19 -14.86 25.37 7.83
N ALA A 20 -15.52 24.29 8.25
CA ALA A 20 -16.23 23.43 7.32
C ALA A 20 -17.28 24.22 6.55
N GLU A 21 -18.07 25.00 7.29
CA GLU A 21 -19.13 25.81 6.68
C GLU A 21 -18.59 26.85 5.72
N ASN A 22 -17.34 27.25 5.90
CA ASN A 22 -16.74 28.29 5.07
C ASN A 22 -15.95 27.83 3.84
N VAL A 23 -15.86 26.53 3.62
CA VAL A 23 -15.17 26.02 2.45
C VAL A 23 -15.94 26.51 1.23
N GLY A 24 -15.22 26.90 0.18
CA GLY A 24 -15.86 27.38 -1.04
C GLY A 24 -17.00 26.49 -1.52
N PHE A 25 -16.70 25.22 -1.74
CA PHE A 25 -17.71 24.26 -2.19
C PHE A 25 -18.96 24.34 -1.30
N VAL A 26 -18.75 24.30 0.02
CA VAL A 26 -19.84 24.34 1.00
C VAL A 26 -20.61 25.65 0.95
N LYS A 27 -19.90 26.77 0.88
CA LYS A 27 -20.58 28.06 0.81
C LYS A 27 -21.56 28.07 -0.36
N CYS A 28 -21.13 27.57 -1.52
CA CYS A 28 -21.98 27.53 -2.69
C CYS A 28 -23.18 26.60 -2.44
N PHE A 29 -22.91 25.46 -1.82
CA PHE A 29 -23.96 24.49 -1.50
C PHE A 29 -25.06 25.13 -0.65
N LEU A 30 -24.63 25.85 0.38
CA LEU A 30 -25.57 26.50 1.28
C LEU A 30 -26.43 27.52 0.56
N LYS A 31 -25.80 28.34 -0.29
CA LYS A 31 -26.54 29.35 -1.05
C LYS A 31 -27.36 28.71 -2.16
N GLY A 32 -27.52 27.39 -2.10
CA GLY A 32 -28.32 26.69 -3.08
C GLY A 32 -27.69 26.30 -4.40
N VAL A 33 -26.42 26.62 -4.61
CA VAL A 33 -25.80 26.22 -5.87
C VAL A 33 -24.95 24.96 -5.69
N VAL A 34 -25.58 23.83 -6.01
CA VAL A 34 -24.96 22.51 -5.95
C VAL A 34 -25.34 21.86 -7.26
N GLU A 35 -24.51 20.95 -7.74
CA GLU A 35 -24.82 20.33 -9.01
C GLU A 35 -24.48 18.85 -9.01
N LYS A 36 -25.44 18.09 -9.51
CA LYS A 36 -25.36 16.63 -9.62
C LYS A 36 -23.99 15.99 -9.87
N ASN A 37 -23.19 16.50 -10.79
CA ASN A 37 -21.92 15.85 -11.07
C ASN A 37 -20.84 15.91 -10.00
N SER A 38 -20.64 17.06 -9.38
CA SER A 38 -19.62 17.13 -8.35
C SER A 38 -20.15 16.47 -7.06
N TYR A 39 -21.39 16.78 -6.69
CA TYR A 39 -22.00 16.22 -5.48
C TYR A 39 -22.09 14.70 -5.56
N ARG A 40 -22.13 14.20 -6.77
CA ARG A 40 -22.22 12.76 -7.03
C ARG A 40 -20.92 12.08 -6.61
N LYS A 41 -19.81 12.80 -6.77
CA LYS A 41 -18.50 12.26 -6.41
C LYS A 41 -18.32 12.25 -4.90
N LEU A 42 -18.97 13.19 -4.22
CA LEU A 42 -18.90 13.26 -2.77
C LEU A 42 -19.59 12.03 -2.22
N VAL A 43 -20.76 11.72 -2.78
CA VAL A 43 -21.54 10.57 -2.36
C VAL A 43 -20.72 9.30 -2.56
N GLY A 44 -20.00 9.22 -3.66
CA GLY A 44 -19.16 8.06 -3.92
C GLY A 44 -18.12 7.94 -2.82
N ASN A 45 -17.48 9.04 -2.46
CA ASN A 45 -16.48 8.98 -1.40
C ASN A 45 -17.08 8.55 -0.05
N LEU A 46 -18.09 9.27 0.44
CA LEU A 46 -18.69 8.91 1.72
C LEU A 46 -19.09 7.44 1.70
N TYR A 47 -19.53 6.96 0.55
CA TYR A 47 -19.93 5.58 0.41
C TYR A 47 -18.79 4.66 0.90
N PHE A 48 -17.56 4.93 0.49
CA PHE A 48 -16.42 4.11 0.91
C PHE A 48 -16.03 4.33 2.36
N VAL A 49 -16.12 5.56 2.82
CA VAL A 49 -15.77 5.86 4.19
C VAL A 49 -16.72 5.17 5.15
N TYR A 50 -18.02 5.28 4.90
CA TYR A 50 -18.99 4.63 5.78
C TYR A 50 -18.87 3.13 5.70
N SER A 51 -18.56 2.60 4.53
CA SER A 51 -18.41 1.16 4.41
C SER A 51 -17.31 0.71 5.37
N ALA A 52 -16.15 1.36 5.27
CA ALA A 52 -15.00 1.06 6.12
C ALA A 52 -15.35 1.13 7.60
N MET A 53 -15.92 2.25 8.01
CA MET A 53 -16.32 2.50 9.38
C MET A 53 -17.36 1.50 9.91
N GLU A 54 -18.40 1.24 9.13
CA GLU A 54 -19.44 0.31 9.57
C GLU A 54 -18.98 -1.15 9.64
N GLU A 55 -18.02 -1.52 8.81
CA GLU A 55 -17.49 -2.88 8.83
C GLU A 55 -16.64 -3.07 10.11
N GLU A 56 -15.72 -2.14 10.34
CA GLU A 56 -14.85 -2.20 11.52
C GLU A 56 -15.65 -2.08 12.82
N MET A 57 -16.64 -1.20 12.82
CA MET A 57 -17.45 -1.02 14.01
C MET A 57 -18.19 -2.31 14.39
N ALA A 58 -18.57 -3.10 13.39
CA ALA A 58 -19.28 -4.35 13.63
C ALA A 58 -18.38 -5.39 14.28
N LYS A 59 -17.08 -5.31 14.00
CA LYS A 59 -16.12 -6.23 14.60
C LYS A 59 -16.03 -5.94 16.10
N PHE A 60 -16.25 -4.69 16.46
CA PHE A 60 -16.17 -4.29 17.86
C PHE A 60 -17.53 -4.09 18.49
N LYS A 61 -18.53 -4.82 18.02
CA LYS A 61 -19.88 -4.68 18.59
C LYS A 61 -19.86 -5.01 20.09
N ASP A 62 -18.94 -5.88 20.50
CA ASP A 62 -18.83 -6.29 21.90
C ASP A 62 -17.53 -5.86 22.58
N HIS A 63 -16.86 -4.85 22.02
CA HIS A 63 -15.61 -4.33 22.56
C HIS A 63 -15.92 -3.51 23.83
N PRO A 64 -15.02 -3.55 24.82
CA PRO A 64 -15.20 -2.81 26.09
C PRO A 64 -15.65 -1.35 25.95
N ILE A 65 -15.18 -0.68 24.89
CA ILE A 65 -15.54 0.72 24.68
C ILE A 65 -16.56 0.93 23.56
N LEU A 66 -16.17 0.59 22.33
CA LEU A 66 -17.04 0.76 21.16
C LEU A 66 -18.47 0.21 21.27
N SER A 67 -18.64 -0.87 22.02
CA SER A 67 -19.96 -1.49 22.20
C SER A 67 -20.99 -0.50 22.73
N HIS A 68 -20.50 0.57 23.36
CA HIS A 68 -21.36 1.61 23.92
C HIS A 68 -21.93 2.53 22.85
N ILE A 69 -21.18 2.73 21.78
CA ILE A 69 -21.65 3.61 20.70
C ILE A 69 -21.96 2.81 19.44
N TYR A 70 -22.28 1.54 19.63
CA TYR A 70 -22.61 0.67 18.52
C TYR A 70 -24.12 0.65 18.29
N PHE A 71 -24.57 1.51 17.37
CA PHE A 71 -25.98 1.64 17.02
C PHE A 71 -26.16 1.39 15.53
N PRO A 72 -26.25 0.11 15.13
CA PRO A 72 -26.42 -0.26 13.72
C PRO A 72 -27.60 0.46 13.05
N GLU A 73 -28.35 1.21 13.85
CA GLU A 73 -29.49 1.96 13.33
C GLU A 73 -28.97 3.20 12.61
N LEU A 74 -27.70 3.52 12.83
CA LEU A 74 -27.09 4.68 12.21
C LEU A 74 -26.52 4.35 10.83
N ASN A 75 -26.12 3.09 10.62
CA ASN A 75 -25.53 2.67 9.35
C ASN A 75 -26.05 3.38 8.09
N ARG A 76 -25.13 4.06 7.40
CA ARG A 76 -25.45 4.80 6.19
C ARG A 76 -25.06 4.09 4.88
N LYS A 77 -24.26 3.04 4.95
CA LYS A 77 -23.82 2.38 3.72
C LYS A 77 -24.94 2.08 2.69
N GLN A 78 -25.94 1.33 3.11
CA GLN A 78 -27.05 0.96 2.23
C GLN A 78 -27.80 2.17 1.64
N SER A 79 -28.15 3.14 2.48
CA SER A 79 -28.86 4.33 2.00
C SER A 79 -28.01 5.06 0.97
N LEU A 80 -26.69 5.04 1.17
CA LEU A 80 -25.75 5.69 0.28
C LEU A 80 -25.65 4.91 -1.04
N GLU A 81 -25.88 3.60 -0.98
CA GLU A 81 -25.86 2.80 -2.20
C GLU A 81 -27.09 3.18 -2.99
N GLN A 82 -28.18 3.47 -2.28
CA GLN A 82 -29.41 3.86 -2.92
C GLN A 82 -29.21 5.17 -3.66
N ASP A 83 -28.43 6.07 -3.07
CA ASP A 83 -28.16 7.35 -3.71
C ASP A 83 -27.26 7.21 -4.95
N LEU A 84 -26.30 6.30 -4.91
CA LEU A 84 -25.41 6.07 -6.04
C LEU A 84 -26.24 5.55 -7.22
N GLN A 85 -27.18 4.68 -6.91
CA GLN A 85 -28.07 4.11 -7.90
C GLN A 85 -28.78 5.24 -8.62
N PHE A 86 -29.27 6.21 -7.86
CA PHE A 86 -29.98 7.35 -8.39
C PHE A 86 -29.11 8.30 -9.23
N TYR A 87 -27.91 8.62 -8.73
CA TYR A 87 -27.02 9.52 -9.44
C TYR A 87 -26.24 8.86 -10.58
N TYR A 88 -25.96 7.57 -10.44
CA TYR A 88 -25.20 6.84 -11.46
C TYR A 88 -26.01 5.85 -12.26
N GLY A 89 -27.09 5.34 -11.67
CA GLY A 89 -27.91 4.38 -12.39
C GLY A 89 -27.50 2.95 -12.11
N SER A 90 -28.21 2.02 -12.70
CA SER A 90 -27.97 0.59 -12.51
C SER A 90 -26.54 0.11 -12.58
N ASN A 91 -25.70 0.70 -13.43
CA ASN A 91 -24.33 0.25 -13.50
C ASN A 91 -23.43 0.99 -12.49
N TRP A 92 -24.02 1.54 -11.42
CA TRP A 92 -23.21 2.29 -10.46
C TRP A 92 -22.00 1.58 -9.86
N ARG A 93 -22.09 0.28 -9.63
CA ARG A 93 -20.95 -0.46 -9.06
C ARG A 93 -19.74 -0.23 -9.96
N GLN A 94 -19.99 -0.06 -11.25
CA GLN A 94 -18.92 0.11 -12.24
C GLN A 94 -18.51 1.55 -12.49
N GLU A 95 -19.35 2.52 -12.15
CA GLU A 95 -19.03 3.93 -12.38
C GLU A 95 -18.49 4.68 -11.17
N VAL A 96 -18.86 4.22 -9.97
CA VAL A 96 -18.43 4.88 -8.76
C VAL A 96 -16.94 4.74 -8.52
N LYS A 97 -16.30 5.81 -8.07
CA LYS A 97 -14.87 5.78 -7.80
C LYS A 97 -14.56 6.57 -6.52
N ILE A 98 -13.37 6.38 -5.99
CA ILE A 98 -12.97 7.07 -4.79
C ILE A 98 -11.81 8.01 -5.12
N SER A 99 -11.83 9.22 -4.57
CA SER A 99 -10.75 10.18 -4.82
C SER A 99 -9.58 9.96 -3.85
N ALA A 100 -8.46 10.65 -4.08
CA ALA A 100 -7.30 10.51 -3.20
C ALA A 100 -7.64 10.91 -1.77
N ALA A 101 -8.34 12.02 -1.58
CA ALA A 101 -8.71 12.46 -0.24
C ALA A 101 -9.62 11.42 0.39
N GLY A 102 -10.54 10.91 -0.41
CA GLY A 102 -11.45 9.90 0.08
C GLY A 102 -10.70 8.66 0.51
N GLN A 103 -9.65 8.31 -0.23
CA GLN A 103 -8.87 7.12 0.09
C GLN A 103 -8.11 7.36 1.40
N ALA A 104 -7.57 8.56 1.54
CA ALA A 104 -6.83 8.90 2.75
C ALA A 104 -7.79 8.77 3.94
N TYR A 105 -9.02 9.21 3.75
CA TYR A 105 -10.04 9.12 4.78
C TYR A 105 -10.21 7.65 5.17
N VAL A 106 -10.54 6.81 4.20
CA VAL A 106 -10.73 5.38 4.43
C VAL A 106 -9.51 4.77 5.09
N ASP A 107 -8.34 5.20 4.63
CA ASP A 107 -7.06 4.70 5.16
C ASP A 107 -6.94 4.98 6.66
N ARG A 108 -7.28 6.19 7.08
CA ARG A 108 -7.20 6.54 8.48
C ARG A 108 -8.13 5.66 9.34
N VAL A 109 -9.37 5.47 8.87
CA VAL A 109 -10.35 4.67 9.61
C VAL A 109 -9.77 3.27 9.88
N ARG A 110 -9.25 2.67 8.81
CA ARG A 110 -8.68 1.34 8.89
C ARG A 110 -7.46 1.28 9.80
N GLN A 111 -6.64 2.32 9.76
CA GLN A 111 -5.44 2.39 10.58
C GLN A 111 -5.84 2.45 12.05
N VAL A 112 -6.66 3.44 12.37
CA VAL A 112 -7.11 3.63 13.72
C VAL A 112 -7.75 2.35 14.27
N ALA A 113 -8.43 1.60 13.40
CA ALA A 113 -9.07 0.37 13.85
C ALA A 113 -8.09 -0.75 14.23
N ALA A 114 -6.85 -0.63 13.79
CA ALA A 114 -5.85 -1.67 14.09
C ALA A 114 -4.98 -1.40 15.33
N THR A 115 -4.77 -0.11 15.64
CA THR A 115 -3.93 0.27 16.76
C THR A 115 -4.61 1.09 17.85
N ALA A 116 -5.72 1.76 17.54
CA ALA A 116 -6.42 2.57 18.53
C ALA A 116 -7.93 2.58 18.36
N PRO A 117 -8.55 1.39 18.34
CA PRO A 117 -10.01 1.29 18.16
C PRO A 117 -10.85 2.31 18.90
N GLU A 118 -10.33 2.85 20.00
CA GLU A 118 -11.11 3.84 20.73
C GLU A 118 -11.24 5.15 19.96
N LEU A 119 -10.30 5.42 19.07
CA LEU A 119 -10.36 6.64 18.27
C LEU A 119 -11.53 6.59 17.28
N LEU A 120 -12.09 5.40 17.12
CA LEU A 120 -13.24 5.18 16.24
C LEU A 120 -14.46 5.95 16.74
N VAL A 121 -14.46 6.32 18.01
CA VAL A 121 -15.60 7.08 18.53
C VAL A 121 -15.55 8.50 18.01
N ALA A 122 -14.36 8.95 17.61
CA ALA A 122 -14.20 10.29 17.07
C ALA A 122 -14.80 10.33 15.67
N HIS A 123 -14.60 9.23 14.94
CA HIS A 123 -15.12 9.08 13.59
C HIS A 123 -16.63 8.88 13.59
N SER A 124 -17.12 8.06 14.51
CA SER A 124 -18.56 7.83 14.64
C SER A 124 -19.19 9.17 15.00
N TYR A 125 -18.54 9.90 15.90
CA TYR A 125 -19.06 11.19 16.31
C TYR A 125 -19.11 12.14 15.13
N THR A 126 -17.97 12.38 14.51
CA THR A 126 -17.89 13.30 13.38
C THR A 126 -18.90 13.07 12.25
N ARG A 127 -19.16 11.82 11.89
CA ARG A 127 -20.14 11.56 10.84
C ARG A 127 -21.57 11.43 11.35
N TYR A 128 -21.86 10.33 12.03
CA TYR A 128 -23.19 10.09 12.57
C TYR A 128 -23.85 11.21 13.39
N LEU A 129 -23.17 11.79 14.38
CA LEU A 129 -23.84 12.84 15.14
C LEU A 129 -24.04 14.10 14.30
N GLY A 130 -23.24 14.25 13.25
CA GLY A 130 -23.40 15.39 12.37
C GLY A 130 -24.51 15.12 11.38
N ASP A 131 -24.57 13.91 10.87
CA ASP A 131 -25.62 13.49 9.94
C ASP A 131 -26.97 13.65 10.62
N LEU A 132 -26.98 13.29 11.90
CA LEU A 132 -28.18 13.33 12.70
C LEU A 132 -28.65 14.74 12.96
N SER A 133 -27.73 15.65 13.17
CA SER A 133 -28.07 17.04 13.48
C SER A 133 -28.30 17.96 12.29
N GLY A 134 -27.54 17.75 11.21
CA GLY A 134 -27.69 18.60 10.04
C GLY A 134 -28.49 17.95 8.92
N GLY A 135 -28.68 16.65 9.01
CA GLY A 135 -29.43 15.91 8.02
C GLY A 135 -30.65 16.55 7.40
N GLN A 136 -31.49 17.19 8.20
CA GLN A 136 -32.68 17.82 7.66
C GLN A 136 -32.42 19.08 6.85
N ILE A 137 -31.51 19.92 7.32
CA ILE A 137 -31.20 21.15 6.61
C ILE A 137 -30.58 20.85 5.26
N LEU A 138 -29.55 20.01 5.28
CA LEU A 138 -28.83 19.61 4.06
C LEU A 138 -29.74 18.96 3.01
N LYS A 139 -30.71 18.19 3.49
CA LYS A 139 -31.63 17.48 2.61
C LYS A 139 -32.48 18.46 1.80
N LYS A 140 -33.10 19.43 2.46
CA LYS A 140 -33.92 20.38 1.73
C LYS A 140 -33.06 21.20 0.75
N ILE A 141 -31.93 21.72 1.22
CA ILE A 141 -31.06 22.49 0.34
C ILE A 141 -30.68 21.69 -0.91
N ALA A 142 -30.41 20.40 -0.73
CA ALA A 142 -30.04 19.54 -1.84
C ALA A 142 -31.24 19.37 -2.75
N GLN A 143 -32.35 18.92 -2.17
CA GLN A 143 -33.61 18.72 -2.88
C GLN A 143 -34.04 19.96 -3.69
N ASN A 144 -33.81 21.15 -3.13
CA ASN A 144 -34.20 22.36 -3.83
C ASN A 144 -33.23 22.75 -4.94
N ALA A 145 -31.94 22.65 -4.65
CA ALA A 145 -30.91 23.02 -5.61
C ALA A 145 -30.72 22.06 -6.78
N MET A 146 -31.29 20.86 -6.68
CA MET A 146 -31.15 19.87 -7.73
C MET A 146 -32.48 19.25 -8.19
N ASN A 147 -33.56 19.61 -7.52
CA ASN A 147 -34.87 19.07 -7.87
C ASN A 147 -34.94 17.55 -7.69
N LEU A 148 -34.99 17.11 -6.44
CA LEU A 148 -35.08 15.68 -6.12
C LEU A 148 -36.42 15.38 -5.44
N HIS A 149 -37.51 15.60 -6.17
CA HIS A 149 -38.86 15.37 -5.64
C HIS A 149 -38.84 14.11 -4.76
N ASP A 150 -38.14 13.09 -5.24
CA ASP A 150 -38.00 11.84 -4.49
C ASP A 150 -36.85 11.02 -5.06
N GLY A 151 -35.89 10.69 -4.21
CA GLY A 151 -34.73 9.94 -4.63
C GLY A 151 -33.52 10.86 -4.65
N GLY A 152 -32.37 10.33 -4.25
CA GLY A 152 -31.17 11.15 -4.24
C GLY A 152 -30.82 11.71 -2.88
N THR A 153 -31.67 11.48 -1.89
CA THR A 153 -31.42 11.98 -0.54
C THR A 153 -31.65 10.93 0.55
N ALA A 154 -31.57 9.66 0.19
CA ALA A 154 -31.77 8.60 1.17
C ALA A 154 -30.77 8.68 2.33
N PHE A 155 -29.64 9.34 2.09
CA PHE A 155 -28.57 9.50 3.07
C PHE A 155 -28.93 10.35 4.28
N TYR A 156 -29.81 11.33 4.09
CA TYR A 156 -30.22 12.21 5.18
C TYR A 156 -31.44 11.65 5.94
N GLU A 157 -31.94 10.50 5.51
CA GLU A 157 -33.10 9.91 6.15
C GLU A 157 -32.78 8.67 6.98
N PHE A 158 -32.95 8.79 8.29
CA PHE A 158 -32.71 7.66 9.18
C PHE A 158 -34.06 6.97 9.36
N ALA A 159 -34.25 5.91 8.58
CA ALA A 159 -35.48 5.15 8.60
C ALA A 159 -35.75 4.43 9.91
N ASP A 160 -34.73 3.76 10.42
CA ASP A 160 -34.84 2.98 11.64
C ASP A 160 -34.69 3.77 12.93
N ILE A 161 -35.00 5.06 12.86
CA ILE A 161 -34.93 5.94 14.02
C ILE A 161 -36.16 6.85 14.02
N ASP A 162 -37.14 6.49 14.85
CA ASP A 162 -38.37 7.24 14.96
C ASP A 162 -38.08 8.59 15.61
N ASP A 163 -37.87 8.58 16.92
CA ASP A 163 -37.57 9.81 17.64
C ASP A 163 -36.08 10.06 17.56
N GLU A 164 -35.67 10.87 16.60
CA GLU A 164 -34.27 11.19 16.40
C GLU A 164 -33.67 12.07 17.49
N LYS A 165 -34.44 13.05 17.96
CA LYS A 165 -33.96 13.92 19.03
C LYS A 165 -33.72 13.05 20.26
N ALA A 166 -34.56 12.05 20.43
CA ALA A 166 -34.43 11.14 21.56
C ALA A 166 -33.24 10.22 21.34
N PHE A 167 -32.90 9.97 20.07
CA PHE A 167 -31.76 9.12 19.79
C PHE A 167 -30.50 9.94 19.99
N LYS A 168 -30.55 11.21 19.62
CA LYS A 168 -29.41 12.07 19.76
C LYS A 168 -28.98 12.17 21.23
N ASN A 169 -29.92 11.95 22.14
CA ASN A 169 -29.59 12.00 23.57
C ASN A 169 -28.99 10.67 24.01
N THR A 170 -29.65 9.57 23.67
CA THR A 170 -29.14 8.26 24.02
C THR A 170 -27.69 8.22 23.56
N TYR A 171 -27.42 8.75 22.37
CA TYR A 171 -26.08 8.75 21.80
C TYR A 171 -25.08 9.62 22.58
N ARG A 172 -25.44 10.86 22.92
CA ARG A 172 -24.55 11.73 23.69
C ARG A 172 -24.31 11.07 25.04
N GLN A 173 -25.41 10.55 25.61
CA GLN A 173 -25.38 9.87 26.89
C GLN A 173 -24.39 8.71 26.79
N ALA A 174 -24.58 7.89 25.75
CA ALA A 174 -23.70 6.75 25.52
C ALA A 174 -22.23 7.17 25.63
N MET A 175 -21.89 8.28 25.02
CA MET A 175 -20.53 8.79 25.07
C MET A 175 -20.10 9.17 26.48
N ASN A 176 -21.02 9.80 27.22
CA ASN A 176 -20.76 10.24 28.59
C ASN A 176 -20.64 9.11 29.60
N ASP A 177 -20.93 7.89 29.19
CA ASP A 177 -20.82 6.73 30.07
C ASP A 177 -19.72 5.81 29.56
N LEU A 178 -18.77 6.37 28.83
CA LEU A 178 -17.66 5.60 28.27
C LEU A 178 -16.53 5.40 29.28
N PRO A 179 -16.07 4.14 29.43
CA PRO A 179 -14.98 3.77 30.34
C PRO A 179 -13.60 4.22 29.87
N ILE A 180 -13.38 5.54 29.83
CA ILE A 180 -12.09 6.06 29.39
C ILE A 180 -11.56 7.15 30.32
N ASP A 181 -10.25 7.35 30.30
CA ASP A 181 -9.62 8.37 31.14
C ASP A 181 -9.43 9.67 30.35
N GLN A 182 -9.64 10.79 31.02
CA GLN A 182 -9.52 12.10 30.41
C GLN A 182 -8.34 12.23 29.43
N ALA A 183 -7.28 11.48 29.66
CA ALA A 183 -6.10 11.51 28.79
C ALA A 183 -6.45 11.06 27.37
N THR A 184 -7.10 9.90 27.27
CA THR A 184 -7.50 9.38 25.98
C THR A 184 -8.68 10.18 25.43
N ALA A 185 -9.60 10.58 26.30
CA ALA A 185 -10.76 11.36 25.88
C ALA A 185 -10.28 12.57 25.10
N GLU A 186 -9.02 12.95 25.33
CA GLU A 186 -8.46 14.09 24.63
C GLU A 186 -7.86 13.68 23.30
N ARG A 187 -7.45 12.42 23.18
CA ARG A 187 -6.88 11.90 21.94
C ARG A 187 -8.02 11.72 20.93
N ILE A 188 -9.21 11.52 21.48
CA ILE A 188 -10.43 11.33 20.71
C ILE A 188 -10.85 12.68 20.13
N VAL A 189 -10.81 13.71 20.97
CA VAL A 189 -11.16 15.04 20.51
C VAL A 189 -10.20 15.44 19.39
N ASP A 190 -8.92 15.22 19.59
CA ASP A 190 -7.98 15.57 18.53
C ASP A 190 -8.26 14.81 17.25
N GLU A 191 -8.62 13.53 17.36
CA GLU A 191 -8.93 12.72 16.19
C GLU A 191 -10.16 13.27 15.45
N ALA A 192 -11.13 13.79 16.21
CA ALA A 192 -12.33 14.35 15.63
C ALA A 192 -11.96 15.54 14.73
N ASN A 193 -11.10 16.42 15.23
CA ASN A 193 -10.68 17.58 14.45
C ASN A 193 -9.90 17.09 13.20
N ASP A 194 -9.34 15.90 13.30
CA ASP A 194 -8.61 15.33 12.17
C ASP A 194 -9.63 14.92 11.10
N ALA A 195 -10.66 14.20 11.53
CA ALA A 195 -11.71 13.75 10.62
C ALA A 195 -12.35 14.94 9.91
N PHE A 196 -12.63 16.01 10.64
CA PHE A 196 -13.22 17.18 10.03
C PHE A 196 -12.35 17.62 8.86
N ALA A 197 -11.05 17.71 9.09
CA ALA A 197 -10.12 18.13 8.06
C ALA A 197 -10.21 17.21 6.85
N MET A 198 -10.39 15.92 7.10
CA MET A 198 -10.49 14.96 6.01
C MET A 198 -11.76 15.13 5.17
N ASN A 199 -12.82 15.60 5.81
CA ASN A 199 -14.07 15.84 5.10
C ASN A 199 -13.84 17.09 4.26
N MET A 200 -13.23 18.08 4.89
CA MET A 200 -12.96 19.33 4.22
C MET A 200 -12.06 19.14 3.00
N LYS A 201 -11.15 18.19 3.04
CA LYS A 201 -10.28 17.98 1.90
C LYS A 201 -11.07 17.38 0.72
N MET A 202 -12.06 16.55 1.02
CA MET A 202 -12.88 15.97 -0.04
C MET A 202 -13.66 17.09 -0.74
N PHE A 203 -14.16 18.05 0.03
CA PHE A 203 -14.92 19.18 -0.51
C PHE A 203 -14.06 20.04 -1.41
N ASN A 204 -12.85 20.36 -0.95
CA ASN A 204 -11.93 21.17 -1.74
C ASN A 204 -11.58 20.50 -3.08
N GLU A 205 -11.53 19.17 -3.09
CA GLU A 205 -11.25 18.41 -4.32
C GLU A 205 -12.31 18.68 -5.37
N LEU A 206 -13.49 19.11 -4.93
CA LEU A 206 -14.55 19.35 -5.87
C LEU A 206 -14.68 20.79 -6.31
N GLU A 207 -13.87 21.68 -5.76
CA GLU A 207 -13.96 23.08 -6.14
C GLU A 207 -13.87 23.27 -7.64
N GLY A 208 -12.84 22.71 -8.25
CA GLY A 208 -12.65 22.83 -9.69
C GLY A 208 -13.82 22.29 -10.52
N ASN A 209 -14.39 21.17 -10.11
CA ASN A 209 -15.52 20.59 -10.85
C ASN A 209 -16.75 21.50 -10.77
N LEU A 210 -16.91 22.18 -9.64
CA LEU A 210 -18.04 23.06 -9.43
C LEU A 210 -17.89 24.36 -10.22
N ILE A 211 -16.66 24.86 -10.32
CA ILE A 211 -16.41 26.08 -11.07
C ILE A 211 -16.89 25.89 -12.51
N LYS A 212 -16.35 24.89 -13.20
CA LYS A 212 -16.78 24.63 -14.58
C LYS A 212 -18.29 24.66 -14.68
N ALA A 213 -18.94 23.76 -13.94
CA ALA A 213 -20.40 23.65 -13.90
C ALA A 213 -21.10 25.01 -13.75
N ILE A 214 -20.53 25.87 -12.90
CA ILE A 214 -21.10 27.19 -12.67
C ILE A 214 -20.90 27.99 -13.95
N GLY A 215 -19.68 27.99 -14.48
CA GLY A 215 -19.40 28.72 -15.70
C GLY A 215 -20.31 28.26 -16.83
N ILE A 216 -20.55 26.96 -16.86
CA ILE A 216 -21.38 26.39 -17.90
C ILE A 216 -22.84 26.83 -17.82
N MET A 217 -23.43 26.79 -16.63
CA MET A 217 -24.82 27.22 -16.52
C MET A 217 -25.00 28.72 -16.81
N VAL A 218 -24.06 29.55 -16.38
CA VAL A 218 -24.14 30.98 -16.61
C VAL A 218 -23.85 31.32 -18.07
N PHE A 219 -22.95 30.56 -18.67
CA PHE A 219 -22.60 30.76 -20.07
C PHE A 219 -23.86 30.44 -20.88
N ASN A 220 -24.51 29.32 -20.54
CA ASN A 220 -25.75 28.92 -21.21
C ASN A 220 -26.82 29.99 -20.99
N SER A 221 -26.76 30.66 -19.86
CA SER A 221 -27.72 31.70 -19.54
C SER A 221 -27.51 32.92 -20.46
N LEU A 222 -26.25 33.34 -20.60
CA LEU A 222 -25.92 34.48 -21.44
C LEU A 222 -26.19 34.16 -22.91
N THR A 223 -26.39 32.88 -23.21
CA THR A 223 -26.63 32.45 -24.57
C THR A 223 -28.04 31.85 -24.74
N SER B 2 20.58 -3.35 34.47
CA SER B 2 21.25 -4.65 34.20
C SER B 2 22.51 -4.50 33.34
N VAL B 3 22.48 -3.62 32.34
CA VAL B 3 23.71 -3.37 31.55
C VAL B 3 23.78 -1.88 31.21
N ASN B 4 24.98 -1.43 30.86
CA ASN B 4 25.20 -0.03 30.51
C ASN B 4 24.68 0.28 29.10
N LEU B 5 23.36 0.30 28.97
CA LEU B 5 22.70 0.56 27.70
C LEU B 5 23.01 1.96 27.19
N ALA B 6 22.84 2.97 28.04
CA ALA B 6 23.09 4.34 27.63
C ALA B 6 24.40 4.52 26.87
N SER B 7 25.45 3.91 27.39
CA SER B 7 26.77 4.02 26.77
C SER B 7 26.92 3.14 25.53
N GLN B 8 26.32 1.95 25.54
CA GLN B 8 26.39 1.08 24.39
C GLN B 8 25.63 1.69 23.22
N LEU B 9 24.60 2.47 23.52
CA LEU B 9 23.83 3.12 22.48
C LEU B 9 24.59 4.30 21.94
N ARG B 10 25.22 5.08 22.83
CA ARG B 10 26.00 6.22 22.38
C ARG B 10 27.14 5.74 21.47
N GLU B 11 27.91 4.78 21.97
CA GLU B 11 29.03 4.25 21.20
C GLU B 11 28.60 3.46 19.98
N GLY B 12 27.53 2.68 20.10
CA GLY B 12 27.06 1.88 18.98
C GLY B 12 26.43 2.65 17.81
N THR B 13 26.01 3.90 18.05
CA THR B 13 25.39 4.70 17.00
C THR B 13 26.29 5.88 16.64
N LYS B 14 27.52 5.85 17.15
CA LYS B 14 28.49 6.91 16.91
C LYS B 14 28.69 7.13 15.41
N LYS B 15 29.09 6.07 14.71
CA LYS B 15 29.32 6.15 13.27
C LYS B 15 28.09 6.69 12.56
N SER B 16 26.91 6.18 12.91
CA SER B 16 25.68 6.61 12.26
C SER B 16 25.41 8.08 12.45
N HIS B 17 25.64 8.59 13.65
CA HIS B 17 25.38 10.00 13.90
C HIS B 17 26.31 10.82 13.02
N SER B 18 27.49 10.30 12.76
CA SER B 18 28.45 11.01 11.91
C SER B 18 28.02 10.98 10.44
N MET B 19 27.46 9.85 10.00
CA MET B 19 26.98 9.74 8.63
C MET B 19 25.81 10.73 8.49
N ALA B 20 24.97 10.77 9.51
CA ALA B 20 23.82 11.68 9.50
C ALA B 20 24.26 13.14 9.31
N GLU B 21 25.42 13.48 9.87
CA GLU B 21 25.94 14.85 9.75
C GLU B 21 26.57 15.10 8.39
N ASN B 22 26.90 14.03 7.68
CA ASN B 22 27.52 14.16 6.36
C ASN B 22 26.60 13.93 5.18
N VAL B 23 25.29 14.04 5.41
CA VAL B 23 24.31 13.86 4.35
C VAL B 23 24.19 15.23 3.69
N GLY B 24 24.39 15.27 2.37
CA GLY B 24 24.32 16.53 1.64
C GLY B 24 23.30 17.54 2.13
N PHE B 25 22.06 17.11 2.33
CA PHE B 25 21.02 18.02 2.81
C PHE B 25 21.34 18.62 4.19
N VAL B 26 21.95 17.83 5.06
CA VAL B 26 22.27 18.30 6.42
C VAL B 26 23.48 19.23 6.44
N LYS B 27 24.46 18.96 5.59
CA LYS B 27 25.63 19.83 5.54
C LYS B 27 25.18 21.23 5.15
N CYS B 28 24.34 21.31 4.12
CA CYS B 28 23.84 22.61 3.66
C CYS B 28 23.08 23.28 4.77
N PHE B 29 22.29 22.47 5.48
CA PHE B 29 21.52 22.98 6.60
C PHE B 29 22.50 23.57 7.62
N LEU B 30 23.46 22.74 8.04
CA LEU B 30 24.45 23.16 9.02
C LEU B 30 25.22 24.43 8.62
N LYS B 31 25.37 24.67 7.33
CA LYS B 31 26.07 25.87 6.87
C LYS B 31 25.11 27.02 6.62
N GLY B 32 23.88 26.90 7.12
CA GLY B 32 22.89 27.96 6.95
C GLY B 32 22.10 27.94 5.65
N VAL B 33 22.21 26.86 4.90
CA VAL B 33 21.49 26.77 3.63
C VAL B 33 20.31 25.81 3.78
N VAL B 34 19.12 26.38 3.95
CA VAL B 34 17.92 25.57 4.11
C VAL B 34 16.65 26.26 3.61
N GLU B 35 16.02 25.62 2.63
CA GLU B 35 14.78 26.13 2.03
C GLU B 35 13.60 25.82 2.97
N LYS B 36 12.75 26.81 3.19
CA LYS B 36 11.59 26.64 4.07
C LYS B 36 10.65 25.50 3.64
N ASN B 37 10.38 25.40 2.34
CA ASN B 37 9.50 24.36 1.80
C ASN B 37 9.97 22.92 2.00
N SER B 38 11.24 22.63 1.73
CA SER B 38 11.71 21.27 1.94
C SER B 38 11.78 20.98 3.44
N TYR B 39 12.06 22.01 4.24
CA TYR B 39 12.15 21.85 5.68
C TYR B 39 10.80 21.42 6.28
N ARG B 40 9.73 22.16 5.96
CA ARG B 40 8.40 21.84 6.49
C ARG B 40 7.87 20.47 6.04
N LYS B 41 8.46 19.94 4.98
CA LYS B 41 8.07 18.64 4.48
C LYS B 41 8.71 17.63 5.44
N LEU B 42 9.85 18.03 6.00
CA LEU B 42 10.55 17.19 6.96
C LEU B 42 9.74 17.21 8.26
N VAL B 43 9.30 18.41 8.63
CA VAL B 43 8.50 18.57 9.84
C VAL B 43 7.32 17.63 9.73
N GLY B 44 6.64 17.71 8.59
CA GLY B 44 5.47 16.88 8.33
C GLY B 44 5.70 15.39 8.55
N ASN B 45 6.80 14.86 8.00
CA ASN B 45 7.08 13.45 8.19
C ASN B 45 7.27 13.14 9.67
N LEU B 46 8.01 13.98 10.38
CA LEU B 46 8.24 13.76 11.80
C LEU B 46 6.93 13.78 12.59
N TYR B 47 6.00 14.67 12.21
CA TYR B 47 4.71 14.74 12.87
C TYR B 47 4.03 13.36 12.88
N PHE B 48 4.20 12.61 11.79
CA PHE B 48 3.59 11.27 11.70
C PHE B 48 4.35 10.22 12.47
N VAL B 49 5.68 10.25 12.40
CA VAL B 49 6.49 9.29 13.12
C VAL B 49 6.24 9.48 14.61
N TYR B 50 6.38 10.70 15.09
CA TYR B 50 6.14 10.98 16.51
C TYR B 50 4.74 10.58 16.95
N SER B 51 3.73 10.91 16.14
CA SER B 51 2.36 10.55 16.48
C SER B 51 2.22 9.04 16.71
N ALA B 52 2.71 8.28 15.74
CA ALA B 52 2.67 6.83 15.84
C ALA B 52 3.40 6.33 17.08
N MET B 53 4.58 6.86 17.32
CA MET B 53 5.41 6.45 18.45
C MET B 53 4.79 6.80 19.80
N GLU B 54 4.33 8.03 19.95
CA GLU B 54 3.74 8.47 21.21
C GLU B 54 2.42 7.77 21.53
N GLU B 55 1.84 7.14 20.53
CA GLU B 55 0.60 6.40 20.68
C GLU B 55 0.89 5.00 21.21
N GLU B 56 1.89 4.35 20.63
CA GLU B 56 2.28 3.01 21.06
C GLU B 56 2.95 3.07 22.44
N MET B 57 3.70 4.14 22.66
CA MET B 57 4.40 4.30 23.92
C MET B 57 3.41 4.37 25.08
N ALA B 58 2.33 5.12 24.87
CA ALA B 58 1.30 5.27 25.88
C ALA B 58 0.68 3.90 26.19
N LYS B 59 0.39 3.14 25.15
CA LYS B 59 -0.21 1.83 25.34
C LYS B 59 0.67 0.92 26.19
N PHE B 60 1.98 1.20 26.23
CA PHE B 60 2.89 0.37 27.01
C PHE B 60 3.43 1.02 28.28
N LYS B 61 2.77 2.05 28.78
CA LYS B 61 3.22 2.73 29.99
C LYS B 61 3.38 1.78 31.18
N ASP B 62 2.64 0.67 31.17
CA ASP B 62 2.72 -0.31 32.25
C ASP B 62 3.48 -1.57 31.82
N HIS B 63 4.33 -1.42 30.82
CA HIS B 63 5.13 -2.54 30.29
C HIS B 63 6.39 -2.75 31.13
N PRO B 64 6.69 -4.01 31.49
CA PRO B 64 7.88 -4.37 32.30
C PRO B 64 9.16 -3.65 31.89
N ILE B 65 9.41 -3.55 30.58
CA ILE B 65 10.60 -2.88 30.10
C ILE B 65 10.39 -1.43 29.70
N LEU B 66 9.31 -1.12 28.99
CA LEU B 66 9.07 0.24 28.53
C LEU B 66 8.55 1.24 29.57
N SER B 67 8.09 0.75 30.72
CA SER B 67 7.60 1.63 31.76
C SER B 67 8.74 2.53 32.25
N HIS B 68 9.96 2.00 32.21
CA HIS B 68 11.15 2.72 32.65
C HIS B 68 11.54 3.93 31.80
N ILE B 69 11.06 3.98 30.56
CA ILE B 69 11.38 5.10 29.69
C ILE B 69 10.15 5.90 29.28
N TYR B 70 9.01 5.62 29.90
CA TYR B 70 7.79 6.36 29.61
C TYR B 70 7.89 7.73 30.25
N PHE B 71 8.22 8.74 29.45
CA PHE B 71 8.36 10.11 29.93
C PHE B 71 7.52 11.04 29.08
N PRO B 72 6.20 11.04 29.27
CA PRO B 72 5.34 11.91 28.46
C PRO B 72 5.78 13.37 28.34
N GLU B 73 6.62 13.84 29.26
CA GLU B 73 7.08 15.25 29.21
C GLU B 73 7.89 15.49 27.93
N LEU B 74 8.28 14.40 27.30
CA LEU B 74 9.06 14.45 26.07
C LEU B 74 8.22 14.61 24.79
N ASN B 75 6.98 14.12 24.82
CA ASN B 75 6.09 14.16 23.65
C ASN B 75 6.20 15.39 22.75
N ARG B 76 6.27 15.15 21.44
CA ARG B 76 6.43 16.26 20.50
C ARG B 76 5.30 16.46 19.49
N LYS B 77 4.33 15.55 19.48
CA LYS B 77 3.20 15.64 18.56
C LYS B 77 2.61 17.04 18.55
N GLN B 78 2.28 17.55 19.74
CA GLN B 78 1.70 18.88 19.86
C GLN B 78 2.64 19.99 19.35
N SER B 79 3.93 19.87 19.66
CA SER B 79 4.86 20.90 19.21
C SER B 79 4.98 20.88 17.69
N LEU B 80 4.96 19.70 17.10
CA LEU B 80 5.03 19.58 15.64
C LEU B 80 3.77 20.18 15.01
N GLU B 81 2.63 20.01 15.68
CA GLU B 81 1.39 20.57 15.18
C GLU B 81 1.47 22.09 15.16
N GLN B 82 2.15 22.67 16.15
CA GLN B 82 2.29 24.12 16.19
C GLN B 82 3.22 24.57 15.07
N ASP B 83 4.23 23.75 14.78
CA ASP B 83 5.15 24.11 13.72
C ASP B 83 4.47 23.95 12.37
N LEU B 84 3.66 22.90 12.19
CA LEU B 84 2.96 22.70 10.91
C LEU B 84 1.98 23.86 10.69
N GLN B 85 1.46 24.43 11.77
CA GLN B 85 0.52 25.54 11.63
C GLN B 85 1.25 26.79 11.20
N PHE B 86 2.52 26.90 11.61
CA PHE B 86 3.33 28.05 11.26
C PHE B 86 3.78 27.96 9.81
N TYR B 87 4.23 26.78 9.41
CA TYR B 87 4.71 26.58 8.05
C TYR B 87 3.63 26.38 7.00
N TYR B 88 2.44 25.95 7.43
CA TYR B 88 1.36 25.70 6.49
C TYR B 88 0.12 26.56 6.62
N GLY B 89 -0.05 27.19 7.78
CA GLY B 89 -1.23 28.01 7.99
C GLY B 89 -2.30 27.25 8.73
N SER B 90 -3.47 27.88 8.91
CA SER B 90 -4.58 27.27 9.63
C SER B 90 -5.13 25.97 9.01
N ASN B 91 -4.85 25.73 7.73
CA ASN B 91 -5.30 24.52 7.06
C ASN B 91 -4.20 23.47 6.91
N TRP B 92 -3.19 23.48 7.77
CA TRP B 92 -2.10 22.51 7.67
C TRP B 92 -2.59 21.08 7.64
N ARG B 93 -3.58 20.79 8.49
CA ARG B 93 -4.14 19.44 8.58
C ARG B 93 -4.45 18.86 7.20
N GLN B 94 -4.92 19.70 6.28
CA GLN B 94 -5.25 19.25 4.91
C GLN B 94 -4.03 19.37 3.99
N GLU B 95 -3.02 20.09 4.45
CA GLU B 95 -1.80 20.31 3.69
C GLU B 95 -0.73 19.26 3.99
N VAL B 96 -0.62 18.86 5.25
CA VAL B 96 0.39 17.88 5.64
C VAL B 96 0.38 16.65 4.74
N LYS B 97 1.57 16.28 4.28
CA LYS B 97 1.75 15.12 3.42
C LYS B 97 2.87 14.26 4.00
N ILE B 98 2.90 12.98 3.65
CA ILE B 98 3.95 12.10 4.14
C ILE B 98 4.71 11.52 2.97
N SER B 99 6.03 11.49 3.06
CA SER B 99 6.86 10.94 2.01
C SER B 99 6.92 9.42 2.15
N ALA B 100 7.44 8.73 1.15
CA ALA B 100 7.54 7.28 1.21
C ALA B 100 8.45 6.87 2.36
N ALA B 101 9.56 7.59 2.52
CA ALA B 101 10.51 7.33 3.59
C ALA B 101 9.79 7.53 4.93
N GLY B 102 9.02 8.60 5.03
CA GLY B 102 8.29 8.83 6.26
C GLY B 102 7.34 7.69 6.55
N GLN B 103 6.63 7.21 5.53
CA GLN B 103 5.68 6.12 5.73
C GLN B 103 6.43 4.87 6.18
N ALA B 104 7.57 4.58 5.55
CA ALA B 104 8.32 3.40 5.94
C ALA B 104 8.70 3.51 7.42
N TYR B 105 9.18 4.69 7.82
CA TYR B 105 9.59 4.96 9.20
C TYR B 105 8.41 4.64 10.13
N VAL B 106 7.24 5.21 9.82
CA VAL B 106 6.01 4.99 10.59
C VAL B 106 5.63 3.51 10.64
N ASP B 107 5.69 2.83 9.51
CA ASP B 107 5.35 1.41 9.45
C ASP B 107 6.25 0.59 10.35
N ARG B 108 7.53 0.98 10.43
CA ARG B 108 8.48 0.26 11.26
C ARG B 108 8.13 0.44 12.72
N VAL B 109 7.82 1.66 13.12
CA VAL B 109 7.46 1.90 14.53
C VAL B 109 6.24 1.02 14.90
N ARG B 110 5.23 1.03 14.04
CA ARG B 110 4.03 0.24 14.30
C ARG B 110 4.35 -1.26 14.30
N GLN B 111 5.31 -1.66 13.50
CA GLN B 111 5.68 -3.06 13.40
C GLN B 111 6.38 -3.63 14.62
N VAL B 112 7.35 -2.90 15.16
CA VAL B 112 8.07 -3.36 16.33
C VAL B 112 7.14 -3.38 17.53
N ALA B 113 6.25 -2.39 17.60
CA ALA B 113 5.28 -2.27 18.68
C ALA B 113 4.31 -3.46 18.72
N ALA B 114 4.16 -4.15 17.60
CA ALA B 114 3.24 -5.29 17.52
C ALA B 114 3.93 -6.64 17.66
N THR B 115 5.25 -6.69 17.50
CA THR B 115 5.95 -7.97 17.56
C THR B 115 7.16 -8.02 18.50
N ALA B 116 7.71 -6.86 18.83
CA ALA B 116 8.89 -6.77 19.72
C ALA B 116 8.97 -5.38 20.34
N PRO B 117 7.99 -5.04 21.20
CA PRO B 117 7.85 -3.75 21.90
C PRO B 117 9.16 -3.20 22.46
N GLU B 118 10.03 -4.12 22.87
CA GLU B 118 11.31 -3.74 23.44
C GLU B 118 12.17 -2.95 22.47
N LEU B 119 12.07 -3.22 21.16
CA LEU B 119 12.89 -2.46 20.21
C LEU B 119 12.45 -0.98 20.19
N LEU B 120 11.27 -0.71 20.76
CA LEU B 120 10.79 0.66 20.84
C LEU B 120 11.76 1.54 21.67
N VAL B 121 12.63 0.93 22.48
CA VAL B 121 13.54 1.77 23.25
C VAL B 121 14.56 2.43 22.29
N ALA B 122 14.93 1.71 21.22
CA ALA B 122 15.87 2.28 20.23
C ALA B 122 15.26 3.50 19.57
N HIS B 123 13.94 3.48 19.41
CA HIS B 123 13.24 4.60 18.78
C HIS B 123 13.09 5.81 19.67
N SER B 124 12.92 5.58 20.97
CA SER B 124 12.80 6.67 21.94
C SER B 124 14.16 7.35 22.10
N TYR B 125 15.20 6.53 22.16
CA TYR B 125 16.56 7.02 22.29
C TYR B 125 16.97 7.82 21.06
N THR B 126 16.79 7.23 19.88
CA THR B 126 17.19 7.89 18.64
C THR B 126 16.53 9.24 18.40
N ARG B 127 15.24 9.32 18.67
CA ARG B 127 14.52 10.58 18.48
C ARG B 127 14.54 11.53 19.68
N TYR B 128 14.10 11.06 20.84
CA TYR B 128 14.06 11.94 22.02
C TYR B 128 15.40 12.36 22.60
N LEU B 129 16.31 11.43 22.85
CA LEU B 129 17.58 11.86 23.41
C LEU B 129 18.28 12.81 22.43
N GLY B 130 18.19 12.51 21.13
CA GLY B 130 18.81 13.40 20.16
C GLY B 130 18.22 14.79 20.20
N ASP B 131 16.89 14.87 20.34
CA ASP B 131 16.19 16.15 20.41
C ASP B 131 16.65 16.93 21.64
N LEU B 132 16.78 16.25 22.77
CA LEU B 132 17.23 16.91 24.00
C LEU B 132 18.63 17.47 23.82
N SER B 133 19.53 16.63 23.31
CA SER B 133 20.93 16.99 23.09
C SER B 133 21.23 18.06 22.05
N GLY B 134 20.83 17.82 20.79
CA GLY B 134 21.15 18.76 19.74
C GLY B 134 20.10 19.80 19.44
N GLY B 135 19.01 19.73 20.18
CA GLY B 135 17.90 20.64 19.97
C GLY B 135 18.22 22.11 19.81
N GLN B 136 18.96 22.67 20.76
CA GLN B 136 19.30 24.08 20.70
C GLN B 136 20.27 24.44 19.58
N ILE B 137 21.15 23.51 19.19
CA ILE B 137 22.07 23.82 18.12
C ILE B 137 21.23 24.00 16.86
N LEU B 138 20.32 23.05 16.64
CA LEU B 138 19.45 23.05 15.48
C LEU B 138 18.50 24.25 15.45
N LYS B 139 17.89 24.54 16.60
CA LYS B 139 16.96 25.65 16.68
C LYS B 139 17.65 26.95 16.30
N LYS B 140 18.91 27.10 16.71
CA LYS B 140 19.67 28.32 16.40
C LYS B 140 19.93 28.43 14.91
N ILE B 141 20.42 27.35 14.32
CA ILE B 141 20.71 27.31 12.90
C ILE B 141 19.45 27.56 12.06
N ALA B 142 18.35 26.90 12.41
CA ALA B 142 17.09 27.07 11.70
C ALA B 142 16.61 28.52 11.76
N GLN B 143 16.60 29.12 12.94
CA GLN B 143 16.15 30.51 13.08
C GLN B 143 17.07 31.48 12.34
N ASN B 144 18.32 31.08 12.14
CA ASN B 144 19.26 31.93 11.43
C ASN B 144 19.05 31.78 9.91
N ALA B 145 19.03 30.54 9.45
CA ALA B 145 18.85 30.26 8.03
C ALA B 145 17.50 30.80 7.50
N MET B 146 16.39 30.23 7.96
CA MET B 146 15.08 30.69 7.49
C MET B 146 14.63 32.01 8.11
N ASN B 147 15.46 32.53 9.01
CA ASN B 147 15.14 33.79 9.66
C ASN B 147 13.78 33.81 10.39
N LEU B 148 13.62 32.92 11.36
CA LEU B 148 12.37 32.88 12.13
C LEU B 148 12.60 33.55 13.49
N HIS B 149 11.54 33.57 14.29
CA HIS B 149 11.54 34.13 15.63
C HIS B 149 10.14 33.95 16.20
N ASP B 150 9.14 34.19 15.35
CA ASP B 150 7.73 34.05 15.71
C ASP B 150 7.26 32.60 15.58
N GLY B 151 8.05 31.66 16.09
CA GLY B 151 7.68 30.26 15.98
C GLY B 151 8.36 29.58 14.82
N GLY B 152 8.00 28.32 14.59
CA GLY B 152 8.60 27.56 13.53
C GLY B 152 9.66 26.67 14.15
N THR B 153 9.83 26.81 15.48
CA THR B 153 10.83 26.03 16.21
C THR B 153 10.31 25.40 17.50
N ALA B 154 8.99 25.32 17.66
CA ALA B 154 8.40 24.75 18.87
C ALA B 154 8.85 23.30 19.10
N PHE B 155 9.20 22.60 18.03
CA PHE B 155 9.64 21.21 18.13
C PHE B 155 10.91 21.03 18.96
N TYR B 156 11.78 22.04 18.95
CA TYR B 156 13.04 21.99 19.70
C TYR B 156 12.91 22.37 21.17
N GLU B 157 11.79 23.00 21.54
CA GLU B 157 11.58 23.42 22.93
C GLU B 157 10.71 22.48 23.78
N PHE B 158 11.30 21.88 24.82
CA PHE B 158 10.56 20.99 25.72
C PHE B 158 10.07 21.79 26.92
N ALA B 159 8.96 22.51 26.73
CA ALA B 159 8.38 23.35 27.76
C ALA B 159 7.96 22.69 29.08
N ASP B 160 7.85 21.37 29.12
CA ASP B 160 7.45 20.72 30.37
C ASP B 160 8.63 20.09 31.12
N ILE B 161 9.83 20.30 30.61
CA ILE B 161 11.06 19.80 31.24
C ILE B 161 11.79 21.03 31.79
N ASP B 162 11.69 21.26 33.09
CA ASP B 162 12.33 22.42 33.71
C ASP B 162 13.86 22.36 33.64
N ASP B 163 14.43 21.28 34.15
CA ASP B 163 15.88 21.10 34.12
C ASP B 163 16.17 20.03 33.08
N GLU B 164 16.68 20.44 31.92
CA GLU B 164 16.95 19.48 30.86
C GLU B 164 18.18 18.61 31.11
N LYS B 165 19.19 19.16 31.77
CA LYS B 165 20.38 18.37 32.06
C LYS B 165 20.04 17.23 33.04
N ALA B 166 19.30 17.56 34.09
CA ALA B 166 18.88 16.57 35.07
C ALA B 166 18.05 15.48 34.38
N PHE B 167 17.06 15.89 33.59
CA PHE B 167 16.22 14.93 32.89
C PHE B 167 17.10 14.01 32.04
N LYS B 168 18.02 14.62 31.31
CA LYS B 168 18.94 13.87 30.47
C LYS B 168 19.56 12.75 31.32
N ASN B 169 20.05 13.08 32.51
CA ASN B 169 20.64 12.08 33.41
C ASN B 169 19.64 11.03 33.84
N THR B 170 18.43 11.45 34.16
CA THR B 170 17.40 10.52 34.57
C THR B 170 17.17 9.51 33.46
N TYR B 171 16.87 10.04 32.26
CA TYR B 171 16.63 9.22 31.09
C TYR B 171 17.73 8.18 30.87
N ARG B 172 18.98 8.61 30.90
CA ARG B 172 20.09 7.67 30.70
C ARG B 172 20.10 6.59 31.77
N GLN B 173 19.89 6.99 33.03
CA GLN B 173 19.86 6.03 34.13
C GLN B 173 18.76 5.01 33.90
N ALA B 174 17.61 5.51 33.47
CA ALA B 174 16.48 4.65 33.19
C ALA B 174 16.85 3.58 32.15
N MET B 175 17.71 3.93 31.19
CA MET B 175 18.12 2.96 30.19
C MET B 175 19.09 1.96 30.79
N ASN B 176 19.94 2.44 31.71
CA ASN B 176 20.90 1.57 32.37
C ASN B 176 20.18 0.67 33.39
N ASP B 177 18.93 1.00 33.70
CA ASP B 177 18.16 0.21 34.66
C ASP B 177 17.14 -0.68 33.99
N LEU B 178 17.14 -0.66 32.66
CA LEU B 178 16.22 -1.49 31.91
C LEU B 178 16.54 -2.95 32.25
N PRO B 179 15.52 -3.73 32.65
CA PRO B 179 15.75 -5.13 32.99
C PRO B 179 15.97 -6.02 31.75
N ILE B 180 17.17 -5.95 31.17
CA ILE B 180 17.49 -6.74 30.00
C ILE B 180 18.90 -7.35 30.03
N ASP B 181 19.11 -8.39 29.23
CA ASP B 181 20.42 -9.03 29.14
C ASP B 181 21.18 -8.36 28.00
N GLN B 182 22.43 -8.75 27.80
CA GLN B 182 23.26 -8.17 26.75
C GLN B 182 22.65 -8.48 25.37
N ALA B 183 22.23 -9.73 25.17
CA ALA B 183 21.64 -10.16 23.90
C ALA B 183 20.61 -9.15 23.40
N THR B 184 19.69 -8.78 24.29
CA THR B 184 18.64 -7.83 23.95
C THR B 184 19.19 -6.43 23.78
N ALA B 185 20.26 -6.12 24.51
CA ALA B 185 20.87 -4.81 24.42
C ALA B 185 21.39 -4.62 23.00
N GLU B 186 22.07 -5.63 22.49
CA GLU B 186 22.60 -5.55 21.15
C GLU B 186 21.53 -5.46 20.06
N ARG B 187 20.35 -6.03 20.29
CA ARG B 187 19.29 -5.96 19.30
C ARG B 187 18.69 -4.56 19.28
N ILE B 188 18.82 -3.86 20.40
CA ILE B 188 18.30 -2.50 20.50
C ILE B 188 19.25 -1.49 19.87
N VAL B 189 20.56 -1.71 20.02
CA VAL B 189 21.56 -0.83 19.45
C VAL B 189 21.47 -0.96 17.92
N ASP B 190 21.19 -2.17 17.46
CA ASP B 190 21.03 -2.48 16.04
C ASP B 190 19.86 -1.68 15.51
N GLU B 191 18.69 -1.88 16.10
CA GLU B 191 17.49 -1.18 15.71
C GLU B 191 17.75 0.33 15.74
N ALA B 192 18.59 0.77 16.67
CA ALA B 192 18.88 2.19 16.78
C ALA B 192 19.62 2.67 15.53
N ASN B 193 20.55 1.86 15.04
CA ASN B 193 21.28 2.23 13.86
C ASN B 193 20.33 2.29 12.64
N ASP B 194 19.38 1.38 12.60
CA ASP B 194 18.40 1.37 11.53
C ASP B 194 17.61 2.67 11.55
N ALA B 195 17.17 3.07 12.73
CA ALA B 195 16.40 4.30 12.89
C ALA B 195 17.16 5.51 12.31
N PHE B 196 18.47 5.55 12.51
CA PHE B 196 19.27 6.64 11.99
C PHE B 196 19.19 6.55 10.44
N ALA B 197 19.29 5.33 9.92
CA ALA B 197 19.21 5.10 8.48
C ALA B 197 17.90 5.67 7.92
N MET B 198 16.80 5.38 8.61
CA MET B 198 15.50 5.87 8.19
C MET B 198 15.39 7.39 8.24
N ASN B 199 16.09 8.04 9.16
CA ASN B 199 16.07 9.49 9.23
C ASN B 199 16.86 10.03 8.04
N MET B 200 17.99 9.40 7.74
CA MET B 200 18.81 9.83 6.64
C MET B 200 18.09 9.72 5.30
N LYS B 201 17.35 8.63 5.13
CA LYS B 201 16.58 8.41 3.93
C LYS B 201 15.65 9.62 3.74
N MET B 202 15.07 10.10 4.83
CA MET B 202 14.19 11.27 4.74
C MET B 202 14.93 12.51 4.29
N PHE B 203 16.18 12.67 4.74
CA PHE B 203 16.97 13.84 4.33
C PHE B 203 17.37 13.72 2.86
N ASN B 204 17.83 12.55 2.45
CA ASN B 204 18.23 12.35 1.08
C ASN B 204 17.05 12.60 0.13
N GLU B 205 15.85 12.25 0.54
CA GLU B 205 14.68 12.51 -0.30
C GLU B 205 14.58 13.99 -0.67
N LEU B 206 15.14 14.87 0.16
CA LEU B 206 15.06 16.30 -0.09
C LEU B 206 16.24 16.92 -0.82
N GLU B 207 17.25 16.12 -1.16
CA GLU B 207 18.41 16.65 -1.86
C GLU B 207 18.04 17.39 -3.17
N GLY B 208 17.27 16.74 -4.03
CA GLY B 208 16.88 17.36 -5.29
C GLY B 208 16.15 18.68 -5.12
N ASN B 209 15.16 18.71 -4.23
CA ASN B 209 14.40 19.92 -3.98
C ASN B 209 15.33 21.05 -3.58
N LEU B 210 16.34 20.69 -2.79
CA LEU B 210 17.29 21.67 -2.29
C LEU B 210 18.22 22.15 -3.39
N ILE B 211 18.61 21.24 -4.27
CA ILE B 211 19.49 21.60 -5.37
C ILE B 211 18.82 22.71 -6.17
N LYS B 212 17.55 22.50 -6.51
CA LYS B 212 16.81 23.49 -7.28
C LYS B 212 16.76 24.84 -6.58
N ALA B 213 16.16 24.87 -5.40
CA ALA B 213 16.05 26.10 -4.61
C ALA B 213 17.38 26.85 -4.56
N ILE B 214 18.49 26.13 -4.39
CA ILE B 214 19.77 26.82 -4.33
C ILE B 214 20.05 27.47 -5.68
N GLY B 215 19.85 26.68 -6.73
CA GLY B 215 20.07 27.19 -8.08
C GLY B 215 19.21 28.42 -8.32
N ILE B 216 17.95 28.35 -7.92
CA ILE B 216 17.04 29.46 -8.09
C ILE B 216 17.50 30.75 -7.40
N MET B 217 17.93 30.65 -6.14
CA MET B 217 18.37 31.85 -5.43
C MET B 217 19.67 32.44 -5.96
N VAL B 218 20.67 31.62 -6.28
CA VAL B 218 21.90 32.21 -6.79
C VAL B 218 21.65 32.82 -8.18
N PHE B 219 20.77 32.20 -8.96
CA PHE B 219 20.41 32.71 -10.29
C PHE B 219 19.80 34.10 -10.14
N ASN B 220 18.94 34.27 -9.13
CA ASN B 220 18.32 35.58 -8.89
C ASN B 220 19.38 36.57 -8.45
N SER B 221 20.36 36.07 -7.72
CA SER B 221 21.44 36.92 -7.25
C SER B 221 22.22 37.40 -8.46
N LEU B 222 22.71 36.46 -9.26
CA LEU B 222 23.47 36.79 -10.46
C LEU B 222 22.70 37.76 -11.35
N THR B 223 21.38 37.65 -11.37
CA THR B 223 20.55 38.52 -12.17
C THR B 223 20.36 39.88 -11.47
N SER C 2 -25.77 -20.41 11.54
CA SER C 2 -25.49 -20.15 10.11
C SER C 2 -26.78 -19.88 9.35
N VAL C 3 -26.67 -19.27 8.17
CA VAL C 3 -27.86 -18.97 7.37
C VAL C 3 -27.80 -19.69 6.01
N ASN C 4 -28.83 -19.49 5.21
CA ASN C 4 -28.86 -20.11 3.88
C ASN C 4 -28.06 -19.22 2.92
N LEU C 5 -26.75 -19.18 3.12
CA LEU C 5 -25.86 -18.36 2.30
C LEU C 5 -25.96 -18.69 0.81
N ALA C 6 -25.83 -19.98 0.50
CA ALA C 6 -25.89 -20.46 -0.88
C ALA C 6 -27.00 -19.79 -1.65
N SER C 7 -28.22 -19.92 -1.13
CA SER C 7 -29.39 -19.34 -1.77
C SER C 7 -29.41 -17.81 -1.74
N GLN C 8 -28.87 -17.22 -0.67
CA GLN C 8 -28.85 -15.77 -0.59
C GLN C 8 -27.89 -15.18 -1.62
N LEU C 9 -26.83 -15.92 -1.92
CA LEU C 9 -25.86 -15.47 -2.90
C LEU C 9 -26.46 -15.60 -4.30
N ARG C 10 -27.09 -16.74 -4.58
CA ARG C 10 -27.72 -16.94 -5.87
C ARG C 10 -28.75 -15.85 -6.13
N GLU C 11 -29.68 -15.67 -5.21
CA GLU C 11 -30.69 -14.64 -5.37
C GLU C 11 -30.10 -13.24 -5.36
N GLY C 12 -29.13 -13.02 -4.48
CA GLY C 12 -28.52 -11.71 -4.39
C GLY C 12 -27.66 -11.26 -5.56
N THR C 13 -27.24 -12.18 -6.42
CA THR C 13 -26.40 -11.84 -7.55
C THR C 13 -27.06 -12.08 -8.92
N LYS C 14 -28.24 -12.70 -8.88
CA LYS C 14 -29.05 -13.03 -10.07
C LYS C 14 -29.15 -11.83 -11.04
N LYS C 15 -29.45 -10.65 -10.51
CA LYS C 15 -29.57 -9.49 -11.37
C LYS C 15 -28.24 -9.04 -11.94
N SER C 16 -27.14 -9.45 -11.30
CA SER C 16 -25.82 -9.06 -11.75
C SER C 16 -25.27 -10.04 -12.76
N HIS C 17 -25.72 -11.29 -12.69
CA HIS C 17 -25.29 -12.29 -13.63
C HIS C 17 -25.97 -11.96 -14.96
N SER C 18 -27.20 -11.47 -14.86
CA SER C 18 -27.97 -11.08 -16.02
C SER C 18 -27.33 -9.87 -16.68
N MET C 19 -26.79 -8.96 -15.87
CA MET C 19 -26.14 -7.78 -16.42
C MET C 19 -24.85 -8.18 -17.15
N ALA C 20 -24.12 -9.14 -16.59
CA ALA C 20 -22.89 -9.62 -17.20
C ALA C 20 -23.19 -10.27 -18.55
N GLU C 21 -24.27 -11.03 -18.60
CA GLU C 21 -24.68 -11.69 -19.83
C GLU C 21 -25.04 -10.67 -20.90
N ASN C 22 -25.35 -9.45 -20.49
CA ASN C 22 -25.70 -8.41 -21.46
C ASN C 22 -24.60 -7.40 -21.75
N VAL C 23 -23.35 -7.74 -21.43
CA VAL C 23 -22.24 -6.86 -21.72
C VAL C 23 -21.90 -7.09 -23.21
N GLY C 24 -21.71 -6.00 -23.95
CA GLY C 24 -21.41 -6.10 -25.37
C GLY C 24 -20.46 -7.22 -25.76
N PHE C 25 -19.32 -7.25 -25.09
CA PHE C 25 -18.29 -8.25 -25.34
C PHE C 25 -18.76 -9.68 -25.11
N VAL C 26 -19.67 -9.86 -24.15
CA VAL C 26 -20.15 -11.19 -23.82
C VAL C 26 -21.23 -11.68 -24.78
N LYS C 27 -22.15 -10.79 -25.14
CA LYS C 27 -23.20 -11.14 -26.09
C LYS C 27 -22.53 -11.62 -27.39
N CYS C 28 -21.45 -10.95 -27.79
CA CYS C 28 -20.70 -11.34 -28.99
C CYS C 28 -20.08 -12.72 -28.79
N PHE C 29 -19.47 -12.91 -27.63
CA PHE C 29 -18.84 -14.18 -27.26
C PHE C 29 -19.88 -15.30 -27.41
N LEU C 30 -21.02 -15.11 -26.76
CA LEU C 30 -22.10 -16.08 -26.77
C LEU C 30 -22.58 -16.45 -28.17
N LYS C 31 -22.53 -15.52 -29.12
CA LYS C 31 -22.98 -15.77 -30.48
C LYS C 31 -21.89 -16.30 -31.39
N GLY C 32 -20.77 -16.72 -30.81
CA GLY C 32 -19.69 -17.26 -31.61
C GLY C 32 -18.72 -16.22 -32.14
N VAL C 33 -18.90 -14.97 -31.76
CA VAL C 33 -17.99 -13.97 -32.26
C VAL C 33 -16.99 -13.63 -31.16
N VAL C 34 -15.85 -14.33 -31.15
CA VAL C 34 -14.83 -14.07 -30.15
C VAL C 34 -13.49 -13.86 -30.85
N GLU C 35 -12.74 -12.88 -30.34
CA GLU C 35 -11.44 -12.51 -30.90
C GLU C 35 -10.27 -12.97 -30.04
N LYS C 36 -9.42 -13.86 -30.58
CA LYS C 36 -8.27 -14.40 -29.87
C LYS C 36 -7.37 -13.37 -29.18
N ASN C 37 -7.17 -12.21 -29.80
CA ASN C 37 -6.32 -11.18 -29.19
C ASN C 37 -6.96 -10.57 -27.96
N SER C 38 -8.25 -10.30 -28.04
CA SER C 38 -9.00 -9.73 -26.91
C SER C 38 -9.17 -10.77 -25.80
N TYR C 39 -9.56 -11.97 -26.19
CA TYR C 39 -9.76 -13.05 -25.24
C TYR C 39 -8.47 -13.39 -24.51
N ARG C 40 -7.36 -13.22 -25.22
CA ARG C 40 -6.05 -13.49 -24.67
C ARG C 40 -5.79 -12.52 -23.54
N LYS C 41 -6.28 -11.30 -23.69
CA LYS C 41 -6.09 -10.30 -22.66
C LYS C 41 -6.90 -10.64 -21.42
N LEU C 42 -8.09 -11.22 -21.61
CA LEU C 42 -8.93 -11.60 -20.50
C LEU C 42 -8.20 -12.65 -19.66
N VAL C 43 -7.77 -13.72 -20.32
CA VAL C 43 -7.05 -14.80 -19.65
C VAL C 43 -5.87 -14.22 -18.88
N GLY C 44 -5.34 -13.11 -19.40
CA GLY C 44 -4.23 -12.45 -18.75
C GLY C 44 -4.68 -11.85 -17.43
N ASN C 45 -5.70 -11.02 -17.47
CA ASN C 45 -6.18 -10.43 -16.24
C ASN C 45 -6.64 -11.48 -15.21
N LEU C 46 -7.40 -12.48 -15.67
CA LEU C 46 -7.86 -13.51 -14.75
C LEU C 46 -6.69 -14.15 -14.04
N TYR C 47 -5.58 -14.27 -14.74
CA TYR C 47 -4.37 -14.87 -14.17
C TYR C 47 -3.97 -14.15 -12.88
N PHE C 48 -3.82 -12.84 -12.95
CA PHE C 48 -3.43 -12.08 -11.77
C PHE C 48 -4.50 -12.13 -10.69
N VAL C 49 -5.77 -12.08 -11.08
CA VAL C 49 -6.85 -12.11 -10.10
C VAL C 49 -6.89 -13.43 -9.32
N TYR C 50 -6.89 -14.55 -10.03
CA TYR C 50 -6.92 -15.85 -9.35
C TYR C 50 -5.66 -16.02 -8.54
N SER C 51 -4.53 -15.58 -9.08
CA SER C 51 -3.26 -15.70 -8.35
C SER C 51 -3.39 -15.07 -6.97
N ALA C 52 -3.95 -13.87 -6.92
CA ALA C 52 -4.13 -13.16 -5.67
C ALA C 52 -5.08 -13.90 -4.73
N MET C 53 -6.10 -14.53 -5.29
CA MET C 53 -7.09 -15.23 -4.50
C MET C 53 -6.55 -16.49 -3.84
N GLU C 54 -6.00 -17.38 -4.66
CA GLU C 54 -5.49 -18.65 -4.18
C GLU C 54 -4.32 -18.47 -3.22
N GLU C 55 -3.60 -17.37 -3.37
CA GLU C 55 -2.47 -17.06 -2.49
C GLU C 55 -3.04 -16.68 -1.13
N GLU C 56 -3.87 -15.65 -1.12
CA GLU C 56 -4.51 -15.17 0.11
C GLU C 56 -5.32 -16.27 0.77
N MET C 57 -6.04 -17.05 -0.04
CA MET C 57 -6.88 -18.11 0.49
C MET C 57 -6.03 -19.20 1.15
N ALA C 58 -4.77 -19.24 0.75
CA ALA C 58 -3.84 -20.23 1.29
C ALA C 58 -3.57 -19.97 2.77
N LYS C 59 -3.21 -18.75 3.12
CA LYS C 59 -2.90 -18.45 4.51
C LYS C 59 -4.11 -18.48 5.45
N PHE C 60 -5.32 -18.47 4.91
CA PHE C 60 -6.52 -18.54 5.75
C PHE C 60 -7.12 -19.94 5.71
N LYS C 61 -6.37 -20.89 5.19
CA LYS C 61 -6.85 -22.26 5.12
C LYS C 61 -7.25 -22.82 6.47
N ASP C 62 -6.82 -22.15 7.54
CA ASP C 62 -7.15 -22.59 8.89
C ASP C 62 -8.07 -21.61 9.61
N HIS C 63 -8.32 -20.48 8.95
CA HIS C 63 -9.20 -19.43 9.46
C HIS C 63 -10.54 -20.05 9.90
N PRO C 64 -11.14 -19.52 10.97
CA PRO C 64 -12.43 -20.02 11.49
C PRO C 64 -13.52 -20.19 10.45
N ILE C 65 -13.61 -19.23 9.54
CA ILE C 65 -14.63 -19.23 8.49
C ILE C 65 -14.10 -19.73 7.14
N LEU C 66 -13.06 -19.05 6.62
CA LEU C 66 -12.48 -19.43 5.34
C LEU C 66 -12.12 -20.92 5.23
N SER C 67 -11.59 -21.50 6.30
CA SER C 67 -11.21 -22.90 6.27
C SER C 67 -12.30 -23.80 5.71
N HIS C 68 -13.55 -23.41 5.92
CA HIS C 68 -14.69 -24.18 5.46
C HIS C 68 -14.84 -24.25 3.94
N ILE C 69 -14.43 -23.19 3.24
CA ILE C 69 -14.54 -23.19 1.79
C ILE C 69 -13.16 -23.21 1.13
N TYR C 70 -12.23 -23.93 1.74
CA TYR C 70 -10.90 -24.03 1.17
C TYR C 70 -10.85 -25.34 0.38
N PHE C 71 -10.92 -25.23 -0.94
CA PHE C 71 -10.90 -26.39 -1.81
C PHE C 71 -9.86 -26.22 -2.91
N PRO C 72 -8.60 -26.51 -2.61
CA PRO C 72 -7.53 -26.36 -3.61
C PRO C 72 -7.84 -27.06 -4.94
N GLU C 73 -8.68 -28.09 -4.91
CA GLU C 73 -9.06 -28.81 -6.13
C GLU C 73 -9.66 -27.84 -7.13
N LEU C 74 -10.00 -26.65 -6.64
CA LEU C 74 -10.61 -25.61 -7.47
C LEU C 74 -9.59 -24.62 -8.02
N ASN C 75 -8.42 -24.52 -7.38
CA ASN C 75 -7.40 -23.57 -7.83
C ASN C 75 -7.22 -23.56 -9.35
N ARG C 76 -7.29 -22.37 -9.93
CA ARG C 76 -7.16 -22.21 -11.37
C ARG C 76 -5.90 -21.53 -11.89
N LYS C 77 -4.98 -21.17 -11.00
CA LYS C 77 -3.76 -20.50 -11.45
C LYS C 77 -2.95 -21.34 -12.43
N GLN C 78 -2.67 -22.59 -12.06
CA GLN C 78 -1.89 -23.44 -12.94
C GLN C 78 -2.57 -23.68 -14.30
N SER C 79 -3.89 -23.64 -14.35
CA SER C 79 -4.59 -23.86 -15.62
C SER C 79 -4.55 -22.60 -16.46
N LEU C 80 -4.54 -21.44 -15.82
CA LEU C 80 -4.48 -20.17 -16.53
C LEU C 80 -3.10 -20.01 -17.14
N GLU C 81 -2.11 -20.64 -16.50
CA GLU C 81 -0.75 -20.58 -17.00
C GLU C 81 -0.60 -21.40 -18.28
N GLN C 82 -1.20 -22.58 -18.29
CA GLN C 82 -1.13 -23.43 -19.48
C GLN C 82 -1.79 -22.72 -20.66
N ASP C 83 -2.84 -21.96 -20.39
CA ASP C 83 -3.53 -21.21 -21.43
C ASP C 83 -2.72 -19.99 -21.85
N LEU C 84 -2.08 -19.33 -20.89
CA LEU C 84 -1.27 -18.17 -21.21
C LEU C 84 -0.12 -18.62 -22.10
N GLN C 85 0.44 -19.78 -21.78
CA GLN C 85 1.53 -20.32 -22.57
C GLN C 85 1.04 -20.64 -23.99
N PHE C 86 -0.26 -20.94 -24.13
CA PHE C 86 -0.86 -21.26 -25.41
C PHE C 86 -1.14 -20.04 -26.29
N TYR C 87 -1.57 -18.94 -25.68
CA TYR C 87 -1.88 -17.72 -26.44
C TYR C 87 -0.73 -16.75 -26.61
N TYR C 88 0.34 -16.93 -25.83
CA TYR C 88 1.50 -16.04 -25.91
C TYR C 88 2.82 -16.74 -26.21
N GLY C 89 2.91 -18.03 -25.93
CA GLY C 89 4.14 -18.76 -26.17
C GLY C 89 4.86 -19.04 -24.87
N SER C 90 5.97 -19.76 -24.95
CA SER C 90 6.74 -20.08 -23.74
C SER C 90 7.31 -18.81 -23.12
N ASN C 91 7.09 -17.68 -23.78
CA ASN C 91 7.56 -16.39 -23.31
C ASN C 91 6.44 -15.58 -22.68
N TRP C 92 5.29 -16.23 -22.49
CA TRP C 92 4.11 -15.56 -21.93
C TRP C 92 4.43 -14.76 -20.68
N ARG C 93 5.11 -15.39 -19.73
CA ARG C 93 5.45 -14.77 -18.47
C ARG C 93 5.95 -13.33 -18.61
N GLN C 94 6.49 -13.00 -19.78
CA GLN C 94 6.98 -11.64 -20.02
C GLN C 94 6.03 -10.79 -20.84
N GLU C 95 5.13 -11.42 -21.57
CA GLU C 95 4.19 -10.66 -22.39
C GLU C 95 2.87 -10.36 -21.69
N VAL C 96 2.57 -11.11 -20.62
CA VAL C 96 1.33 -10.93 -19.86
C VAL C 96 1.14 -9.50 -19.34
N LYS C 97 0.11 -8.82 -19.81
CA LYS C 97 -0.16 -7.47 -19.32
C LYS C 97 -1.25 -7.61 -18.26
N ILE C 98 -1.66 -6.50 -17.65
CA ILE C 98 -2.68 -6.50 -16.63
C ILE C 98 -3.28 -5.12 -16.80
N SER C 99 -4.60 -5.03 -16.99
CA SER C 99 -5.26 -3.74 -17.22
C SER C 99 -5.70 -3.03 -15.94
N ALA C 100 -6.13 -1.78 -16.07
CA ALA C 100 -6.59 -0.98 -14.94
C ALA C 100 -7.70 -1.72 -14.17
N ALA C 101 -8.68 -2.23 -14.91
CA ALA C 101 -9.79 -2.96 -14.31
C ALA C 101 -9.23 -4.20 -13.66
N GLY C 102 -8.29 -4.85 -14.34
CA GLY C 102 -7.69 -6.04 -13.77
C GLY C 102 -6.95 -5.75 -12.48
N GLN C 103 -6.37 -4.56 -12.37
CA GLN C 103 -5.62 -4.14 -11.19
C GLN C 103 -6.61 -3.74 -10.08
N ALA C 104 -7.72 -3.12 -10.48
CA ALA C 104 -8.73 -2.73 -9.51
C ALA C 104 -9.19 -4.01 -8.81
N TYR C 105 -9.42 -5.04 -9.61
CA TYR C 105 -9.88 -6.34 -9.15
C TYR C 105 -8.91 -6.93 -8.13
N VAL C 106 -7.64 -7.05 -8.51
CA VAL C 106 -6.61 -7.62 -7.63
C VAL C 106 -6.48 -6.84 -6.32
N ASP C 107 -6.49 -5.51 -6.44
CA ASP C 107 -6.38 -4.64 -5.26
C ASP C 107 -7.49 -4.91 -4.27
N ARG C 108 -8.70 -5.12 -4.76
CA ARG C 108 -9.84 -5.40 -3.89
C ARG C 108 -9.64 -6.71 -3.15
N VAL C 109 -9.15 -7.73 -3.86
CA VAL C 109 -8.91 -9.03 -3.26
C VAL C 109 -7.88 -8.86 -2.12
N ARG C 110 -6.80 -8.15 -2.40
CA ARG C 110 -5.75 -7.90 -1.41
C ARG C 110 -6.29 -7.09 -0.21
N GLN C 111 -7.06 -6.06 -0.52
CA GLN C 111 -7.66 -5.18 0.48
C GLN C 111 -8.56 -5.92 1.46
N VAL C 112 -9.38 -6.81 0.92
CA VAL C 112 -10.32 -7.61 1.71
C VAL C 112 -9.61 -8.70 2.51
N ALA C 113 -8.45 -9.12 2.05
CA ALA C 113 -7.68 -10.15 2.75
C ALA C 113 -7.08 -9.51 4.01
N ALA C 114 -6.75 -8.22 3.89
CA ALA C 114 -6.15 -7.44 4.96
C ALA C 114 -7.12 -6.96 6.07
N THR C 115 -8.29 -6.45 5.68
CA THR C 115 -9.27 -5.92 6.65
C THR C 115 -10.53 -6.72 6.98
N ALA C 116 -10.88 -7.70 6.13
CA ALA C 116 -12.09 -8.49 6.36
C ALA C 116 -12.06 -9.76 5.52
N PRO C 117 -11.19 -10.72 5.88
CA PRO C 117 -11.05 -11.98 5.16
C PRO C 117 -12.33 -12.81 4.94
N GLU C 118 -13.39 -12.52 5.69
CA GLU C 118 -14.62 -13.27 5.51
C GLU C 118 -15.27 -12.92 4.18
N LEU C 119 -15.04 -11.70 3.69
CA LEU C 119 -15.61 -11.30 2.41
C LEU C 119 -14.92 -12.08 1.29
N LEU C 120 -13.91 -12.86 1.63
CA LEU C 120 -13.23 -13.63 0.62
C LEU C 120 -14.16 -14.75 0.15
N VAL C 121 -15.19 -15.08 0.94
CA VAL C 121 -16.09 -16.12 0.49
C VAL C 121 -16.93 -15.61 -0.69
N ALA C 122 -17.06 -14.28 -0.81
CA ALA C 122 -17.82 -13.70 -1.92
C ALA C 122 -17.01 -13.84 -3.22
N HIS C 123 -15.70 -13.66 -3.10
CA HIS C 123 -14.83 -13.77 -4.25
C HIS C 123 -14.67 -15.22 -4.67
N SER C 124 -14.71 -16.13 -3.72
CA SER C 124 -14.58 -17.55 -4.03
C SER C 124 -15.86 -18.04 -4.72
N TYR C 125 -16.99 -17.46 -4.33
CA TYR C 125 -18.27 -17.84 -4.90
C TYR C 125 -18.41 -17.30 -6.33
N THR C 126 -18.17 -16.01 -6.49
CA THR C 126 -18.27 -15.37 -7.79
C THR C 126 -17.46 -16.07 -8.88
N ARG C 127 -16.18 -16.34 -8.60
CA ARG C 127 -15.34 -17.00 -9.59
C ARG C 127 -15.55 -18.50 -9.68
N TYR C 128 -15.17 -19.23 -8.64
CA TYR C 128 -15.26 -20.69 -8.64
C TYR C 128 -16.61 -21.36 -8.83
N LEU C 129 -17.64 -20.97 -8.09
CA LEU C 129 -18.92 -21.64 -8.28
C LEU C 129 -19.40 -21.30 -9.69
N GLY C 130 -19.03 -20.13 -10.16
CA GLY C 130 -19.39 -19.72 -11.50
C GLY C 130 -18.66 -20.51 -12.59
N ASP C 131 -17.38 -20.77 -12.34
CA ASP C 131 -16.54 -21.53 -13.27
C ASP C 131 -17.06 -22.95 -13.36
N LEU C 132 -17.46 -23.49 -12.22
CA LEU C 132 -17.93 -24.87 -12.17
C LEU C 132 -19.29 -25.05 -12.85
N SER C 133 -20.07 -23.96 -12.94
CA SER C 133 -21.40 -24.01 -13.53
C SER C 133 -21.46 -23.69 -15.04
N GLY C 134 -20.91 -22.54 -15.44
CA GLY C 134 -20.93 -22.17 -16.84
C GLY C 134 -19.81 -22.89 -17.57
N GLY C 135 -18.90 -23.42 -16.76
CA GLY C 135 -17.76 -24.16 -17.26
C GLY C 135 -17.79 -24.72 -18.67
N GLN C 136 -18.35 -25.92 -18.81
CA GLN C 136 -18.41 -26.60 -20.11
C GLN C 136 -19.11 -25.87 -21.25
N ILE C 137 -20.06 -25.00 -20.93
CA ILE C 137 -20.75 -24.26 -21.97
C ILE C 137 -19.81 -23.21 -22.60
N LEU C 138 -19.14 -22.43 -21.75
CA LEU C 138 -18.21 -21.41 -22.22
C LEU C 138 -17.06 -22.06 -22.96
N LYS C 139 -16.64 -23.23 -22.49
CA LYS C 139 -15.56 -23.95 -23.14
C LYS C 139 -15.92 -24.19 -24.61
N LYS C 140 -17.05 -24.86 -24.84
CA LYS C 140 -17.55 -25.19 -26.17
C LYS C 140 -17.69 -23.97 -27.09
N ILE C 141 -18.30 -22.90 -26.58
CA ILE C 141 -18.47 -21.72 -27.40
C ILE C 141 -17.09 -21.25 -27.83
N ALA C 142 -16.16 -21.21 -26.87
CA ALA C 142 -14.79 -20.78 -27.14
C ALA C 142 -14.11 -21.67 -28.19
N GLN C 143 -14.19 -22.98 -28.00
CA GLN C 143 -13.60 -23.96 -28.92
C GLN C 143 -14.08 -23.83 -30.37
N ASN C 144 -15.37 -23.58 -30.53
CA ASN C 144 -15.95 -23.47 -31.84
C ASN C 144 -15.69 -22.13 -32.51
N ALA C 145 -15.76 -21.07 -31.71
CA ALA C 145 -15.55 -19.72 -32.22
C ALA C 145 -14.11 -19.43 -32.63
N MET C 146 -13.15 -19.94 -31.86
CA MET C 146 -11.75 -19.70 -32.18
C MET C 146 -11.10 -20.91 -32.84
N ASN C 147 -11.90 -21.75 -33.48
CA ASN C 147 -11.39 -22.94 -34.16
C ASN C 147 -10.35 -23.58 -33.24
N LEU C 148 -10.72 -23.67 -31.96
CA LEU C 148 -9.85 -24.19 -30.92
C LEU C 148 -10.19 -25.60 -30.46
N HIS C 149 -9.19 -26.48 -30.51
CA HIS C 149 -9.37 -27.86 -30.06
C HIS C 149 -8.73 -27.93 -28.67
N ASP C 150 -7.70 -28.77 -28.53
CA ASP C 150 -7.00 -28.86 -27.26
C ASP C 150 -5.99 -27.71 -27.20
N GLY C 151 -6.04 -26.95 -26.12
CA GLY C 151 -5.12 -25.83 -25.99
C GLY C 151 -5.89 -24.53 -25.86
N GLY C 152 -5.54 -23.75 -24.84
CA GLY C 152 -6.21 -22.49 -24.61
C GLY C 152 -7.60 -22.69 -24.04
N THR C 153 -7.78 -23.81 -23.34
CA THR C 153 -9.07 -24.14 -22.77
C THR C 153 -9.01 -24.74 -21.36
N ALA C 154 -7.79 -24.97 -20.87
CA ALA C 154 -7.55 -25.56 -19.55
C ALA C 154 -8.35 -24.93 -18.42
N PHE C 155 -8.48 -23.61 -18.45
CA PHE C 155 -9.24 -22.85 -17.44
C PHE C 155 -10.59 -23.45 -17.09
N TYR C 156 -11.25 -24.05 -18.08
CA TYR C 156 -12.58 -24.66 -17.90
C TYR C 156 -12.59 -26.11 -17.46
N GLU C 157 -11.42 -26.76 -17.47
CA GLU C 157 -11.36 -28.16 -17.08
C GLU C 157 -10.85 -28.28 -15.65
N PHE C 158 -11.57 -29.04 -14.82
CA PHE C 158 -11.16 -29.26 -13.45
C PHE C 158 -10.69 -30.70 -13.33
N ALA C 159 -9.38 -30.87 -13.45
CA ALA C 159 -8.75 -32.18 -13.39
C ALA C 159 -9.05 -32.95 -12.11
N ASP C 160 -8.69 -32.39 -10.96
CA ASP C 160 -8.90 -33.06 -9.68
C ASP C 160 -10.34 -33.17 -9.18
N ILE C 161 -11.31 -32.80 -10.02
CA ILE C 161 -12.69 -32.93 -9.60
C ILE C 161 -13.42 -33.93 -10.51
N ASP C 162 -13.56 -35.14 -9.97
CA ASP C 162 -14.22 -36.25 -10.66
C ASP C 162 -15.68 -35.90 -10.97
N ASP C 163 -16.49 -35.86 -9.92
CA ASP C 163 -17.90 -35.52 -10.07
C ASP C 163 -18.08 -34.06 -9.70
N GLU C 164 -18.24 -33.22 -10.71
CA GLU C 164 -18.40 -31.80 -10.48
C GLU C 164 -19.77 -31.43 -9.90
N LYS C 165 -20.76 -32.29 -10.10
CA LYS C 165 -22.10 -32.04 -9.60
C LYS C 165 -22.22 -32.31 -8.11
N ALA C 166 -21.57 -33.38 -7.66
CA ALA C 166 -21.58 -33.73 -6.26
C ALA C 166 -20.77 -32.65 -5.55
N PHE C 167 -19.68 -32.22 -6.18
CA PHE C 167 -18.84 -31.19 -5.60
C PHE C 167 -19.61 -29.88 -5.40
N LYS C 168 -20.47 -29.52 -6.35
CA LYS C 168 -21.24 -28.29 -6.20
C LYS C 168 -22.07 -28.39 -4.94
N ASN C 169 -22.59 -29.58 -4.67
CA ASN C 169 -23.39 -29.79 -3.49
C ASN C 169 -22.54 -29.68 -2.23
N THR C 170 -21.33 -30.23 -2.29
CA THR C 170 -20.45 -30.14 -1.14
C THR C 170 -20.16 -28.67 -0.87
N TYR C 171 -19.88 -27.93 -1.94
CA TYR C 171 -19.54 -26.52 -1.87
C TYR C 171 -20.70 -25.61 -1.39
N ARG C 172 -21.91 -25.83 -1.87
CA ARG C 172 -23.03 -25.01 -1.41
C ARG C 172 -23.27 -25.30 0.07
N GLN C 173 -23.14 -26.56 0.45
CA GLN C 173 -23.37 -26.93 1.84
C GLN C 173 -22.31 -26.28 2.71
N ALA C 174 -21.08 -26.27 2.23
CA ALA C 174 -20.00 -25.65 2.97
C ALA C 174 -20.42 -24.20 3.27
N MET C 175 -21.06 -23.55 2.30
CA MET C 175 -21.50 -22.18 2.49
C MET C 175 -22.63 -22.08 3.50
N ASN C 176 -23.57 -23.02 3.43
CA ASN C 176 -24.69 -23.01 4.38
C ASN C 176 -24.28 -23.29 5.83
N ASP C 177 -23.14 -23.97 6.02
CA ASP C 177 -22.67 -24.28 7.36
C ASP C 177 -21.66 -23.26 7.86
N LEU C 178 -21.43 -22.22 7.08
CA LEU C 178 -20.51 -21.18 7.50
C LEU C 178 -21.06 -20.59 8.79
N PRO C 179 -20.21 -20.44 9.82
CA PRO C 179 -20.64 -19.90 11.11
C PRO C 179 -20.66 -18.37 11.12
N ILE C 180 -21.71 -17.79 10.55
CA ILE C 180 -21.85 -16.34 10.49
C ILE C 180 -23.29 -15.90 10.76
N ASP C 181 -23.47 -14.63 11.08
CA ASP C 181 -24.80 -14.11 11.34
C ASP C 181 -25.31 -13.46 10.06
N GLN C 182 -26.62 -13.26 9.97
CA GLN C 182 -27.24 -12.65 8.81
C GLN C 182 -26.55 -11.34 8.40
N ALA C 183 -26.09 -10.58 9.39
CA ALA C 183 -25.43 -9.30 9.12
C ALA C 183 -24.17 -9.43 8.27
N THR C 184 -23.36 -10.46 8.53
CA THR C 184 -22.15 -10.62 7.75
C THR C 184 -22.53 -11.30 6.42
N ALA C 185 -23.63 -12.05 6.44
CA ALA C 185 -24.11 -12.70 5.23
C ALA C 185 -24.42 -11.61 4.20
N GLU C 186 -25.06 -10.54 4.65
CA GLU C 186 -25.43 -9.47 3.77
C GLU C 186 -24.22 -8.72 3.27
N ARG C 187 -23.15 -8.72 4.06
CA ARG C 187 -21.93 -8.04 3.65
C ARG C 187 -21.25 -8.88 2.56
N ILE C 188 -21.37 -10.20 2.67
CA ILE C 188 -20.76 -11.10 1.70
C ILE C 188 -21.51 -11.02 0.35
N VAL C 189 -22.83 -10.88 0.41
CA VAL C 189 -23.62 -10.78 -0.80
C VAL C 189 -23.29 -9.48 -1.53
N ASP C 190 -23.13 -8.41 -0.78
CA ASP C 190 -22.81 -7.12 -1.38
C ASP C 190 -21.45 -7.18 -2.06
N GLU C 191 -20.49 -7.84 -1.41
CA GLU C 191 -19.13 -7.97 -1.93
C GLU C 191 -19.19 -8.79 -3.21
N ALA C 192 -20.05 -9.79 -3.22
CA ALA C 192 -20.20 -10.61 -4.42
C ALA C 192 -20.69 -9.73 -5.58
N ASN C 193 -21.62 -8.83 -5.34
CA ASN C 193 -22.12 -7.95 -6.39
C ASN C 193 -21.07 -7.00 -6.91
N ASP C 194 -20.06 -6.70 -6.10
CA ASP C 194 -18.98 -5.83 -6.55
C ASP C 194 -18.02 -6.65 -7.40
N ALA C 195 -17.83 -7.92 -7.05
CA ALA C 195 -16.94 -8.78 -7.82
C ALA C 195 -17.49 -8.88 -9.25
N PHE C 196 -18.80 -9.08 -9.38
CA PHE C 196 -19.44 -9.16 -10.70
C PHE C 196 -19.21 -7.84 -11.45
N ALA C 197 -19.24 -6.73 -10.73
CA ALA C 197 -19.04 -5.45 -11.35
C ALA C 197 -17.59 -5.33 -11.83
N MET C 198 -16.66 -5.93 -11.09
CA MET C 198 -15.28 -5.84 -11.51
C MET C 198 -15.02 -6.69 -12.75
N ASN C 199 -15.68 -7.84 -12.85
CA ASN C 199 -15.50 -8.67 -14.03
C ASN C 199 -16.07 -7.93 -15.24
N MET C 200 -17.22 -7.27 -15.07
CA MET C 200 -17.84 -6.52 -16.15
C MET C 200 -16.95 -5.39 -16.66
N LYS C 201 -16.26 -4.71 -15.74
CA LYS C 201 -15.37 -3.64 -16.16
C LYS C 201 -14.26 -4.21 -17.03
N MET C 202 -13.85 -5.44 -16.76
CA MET C 202 -12.81 -6.05 -17.56
C MET C 202 -13.32 -6.29 -18.98
N PHE C 203 -14.50 -6.91 -19.09
CA PHE C 203 -15.08 -7.19 -20.40
C PHE C 203 -15.23 -5.91 -21.24
N ASN C 204 -15.84 -4.89 -20.68
CA ASN C 204 -16.02 -3.64 -21.39
C ASN C 204 -14.72 -2.98 -21.85
N GLU C 205 -13.59 -3.37 -21.26
CA GLU C 205 -12.32 -2.79 -21.69
C GLU C 205 -11.94 -3.39 -23.04
N LEU C 206 -12.38 -4.63 -23.29
CA LEU C 206 -12.09 -5.33 -24.52
C LEU C 206 -13.04 -4.97 -25.68
N GLU C 207 -14.08 -4.21 -25.40
CA GLU C 207 -15.04 -3.87 -26.45
C GLU C 207 -14.42 -3.20 -27.68
N GLY C 208 -13.50 -2.26 -27.46
CA GLY C 208 -12.87 -1.59 -28.57
C GLY C 208 -12.11 -2.53 -29.50
N ASN C 209 -11.25 -3.36 -28.92
CA ASN C 209 -10.49 -4.31 -29.72
C ASN C 209 -11.38 -5.20 -30.56
N LEU C 210 -12.43 -5.73 -29.93
CA LEU C 210 -13.36 -6.61 -30.64
C LEU C 210 -14.02 -5.89 -31.81
N ILE C 211 -14.49 -4.67 -31.58
CA ILE C 211 -15.13 -3.87 -32.63
C ILE C 211 -14.22 -3.81 -33.86
N LYS C 212 -12.98 -3.39 -33.65
CA LYS C 212 -12.01 -3.31 -34.72
C LYS C 212 -11.76 -4.68 -35.36
N ALA C 213 -11.58 -5.70 -34.53
CA ALA C 213 -11.33 -7.03 -35.06
C ALA C 213 -12.52 -7.52 -35.87
N ILE C 214 -13.72 -7.11 -35.49
CA ILE C 214 -14.91 -7.53 -36.24
C ILE C 214 -14.89 -6.77 -37.55
N GLY C 215 -14.60 -5.48 -37.46
CA GLY C 215 -14.54 -4.67 -38.65
C GLY C 215 -13.60 -5.29 -39.66
N ILE C 216 -12.45 -5.76 -39.20
CA ILE C 216 -11.47 -6.36 -40.09
C ILE C 216 -11.90 -7.65 -40.81
N MET C 217 -12.48 -8.59 -40.09
CA MET C 217 -12.92 -9.83 -40.74
C MET C 217 -13.99 -9.52 -41.78
N VAL C 218 -14.94 -8.66 -41.44
CA VAL C 218 -16.01 -8.31 -42.37
C VAL C 218 -15.50 -7.60 -43.63
N PHE C 219 -14.41 -6.84 -43.46
CA PHE C 219 -13.79 -6.10 -44.54
C PHE C 219 -13.10 -7.08 -45.48
N ASN C 220 -12.34 -8.02 -44.90
CA ASN C 220 -11.63 -9.05 -45.66
C ASN C 220 -12.57 -9.97 -46.42
N SER C 221 -13.77 -10.16 -45.90
CA SER C 221 -14.72 -11.02 -46.59
C SER C 221 -15.30 -10.24 -47.78
N LEU C 222 -15.60 -8.95 -47.57
CA LEU C 222 -16.13 -8.10 -48.63
C LEU C 222 -15.09 -7.80 -49.71
N THR C 223 -13.81 -7.86 -49.34
CA THR C 223 -12.74 -7.58 -50.27
C THR C 223 -12.16 -8.80 -50.97
N VAL D 3 10.88 -29.58 3.99
CA VAL D 3 12.23 -29.01 3.79
C VAL D 3 12.84 -29.50 2.46
N ASN D 4 14.09 -29.10 2.19
CA ASN D 4 14.80 -29.50 0.97
C ASN D 4 14.42 -28.66 -0.26
N LEU D 5 14.29 -27.35 -0.08
CA LEU D 5 13.94 -26.49 -1.21
C LEU D 5 15.19 -26.02 -1.94
N ALA D 6 16.34 -26.20 -1.31
CA ALA D 6 17.59 -25.78 -1.93
C ALA D 6 17.69 -26.51 -3.27
N SER D 7 17.32 -27.77 -3.26
CA SER D 7 17.36 -28.59 -4.46
C SER D 7 16.18 -28.28 -5.38
N GLN D 8 15.04 -27.97 -4.79
CA GLN D 8 13.83 -27.66 -5.54
C GLN D 8 13.95 -26.34 -6.30
N LEU D 9 14.63 -25.37 -5.69
CA LEU D 9 14.80 -24.09 -6.33
C LEU D 9 15.73 -24.22 -7.54
N ARG D 10 16.81 -25.00 -7.37
CA ARG D 10 17.77 -25.21 -8.45
C ARG D 10 17.11 -25.91 -9.64
N GLU D 11 16.41 -27.00 -9.37
CA GLU D 11 15.75 -27.76 -10.42
C GLU D 11 14.50 -27.03 -10.95
N GLY D 12 13.90 -26.21 -10.09
CA GLY D 12 12.69 -25.49 -10.49
C GLY D 12 12.91 -24.17 -11.20
N THR D 13 14.15 -23.66 -11.19
CA THR D 13 14.43 -22.42 -11.87
C THR D 13 15.40 -22.62 -13.02
N LYS D 14 15.75 -23.89 -13.29
CA LYS D 14 16.68 -24.21 -14.38
C LYS D 14 16.24 -23.66 -15.73
N LYS D 15 15.10 -24.13 -16.23
CA LYS D 15 14.58 -23.66 -17.51
C LYS D 15 14.59 -22.13 -17.56
N SER D 16 14.26 -21.50 -16.45
CA SER D 16 14.24 -20.04 -16.39
C SER D 16 15.63 -19.44 -16.51
N HIS D 17 16.61 -20.06 -15.86
CA HIS D 17 17.98 -19.58 -15.92
C HIS D 17 18.40 -19.72 -17.38
N SER D 18 17.93 -20.80 -17.99
CA SER D 18 18.23 -21.09 -19.38
C SER D 18 17.67 -19.96 -20.26
N MET D 19 16.38 -19.69 -20.14
CA MET D 19 15.80 -18.63 -20.92
C MET D 19 16.55 -17.32 -20.68
N ALA D 20 16.90 -17.05 -19.42
CA ALA D 20 17.63 -15.81 -19.09
C ALA D 20 18.97 -15.68 -19.83
N GLU D 21 19.71 -16.78 -19.98
CA GLU D 21 20.99 -16.76 -20.67
C GLU D 21 20.81 -16.44 -22.15
N ASN D 22 19.69 -16.84 -22.72
CA ASN D 22 19.42 -16.62 -24.12
C ASN D 22 18.73 -15.29 -24.45
N VAL D 23 18.55 -14.43 -23.46
CA VAL D 23 17.95 -13.13 -23.75
C VAL D 23 18.93 -12.35 -24.61
N GLY D 24 18.41 -11.70 -25.66
CA GLY D 24 19.25 -10.94 -26.57
C GLY D 24 20.37 -10.13 -25.95
N PHE D 25 20.00 -9.19 -25.08
CA PHE D 25 20.95 -8.33 -24.40
C PHE D 25 22.03 -9.15 -23.69
N VAL D 26 21.62 -10.22 -23.02
CA VAL D 26 22.57 -11.05 -22.32
C VAL D 26 23.51 -11.80 -23.26
N LYS D 27 22.97 -12.40 -24.33
CA LYS D 27 23.82 -13.10 -25.28
C LYS D 27 24.94 -12.18 -25.78
N CYS D 28 24.63 -10.91 -26.00
CA CYS D 28 25.60 -9.93 -26.46
C CYS D 28 26.67 -9.73 -25.40
N PHE D 29 26.20 -9.53 -24.17
CA PHE D 29 27.04 -9.33 -23.00
C PHE D 29 27.98 -10.52 -22.90
N LEU D 30 27.41 -11.71 -22.97
CA LEU D 30 28.20 -12.91 -22.87
C LEU D 30 29.25 -12.97 -23.95
N LYS D 31 28.94 -12.42 -25.12
CA LYS D 31 29.91 -12.42 -26.22
C LYS D 31 30.85 -11.22 -26.17
N GLY D 32 30.84 -10.50 -25.05
CA GLY D 32 31.73 -9.35 -24.90
C GLY D 32 31.19 -8.05 -25.45
N VAL D 33 29.94 -8.04 -25.92
CA VAL D 33 29.37 -6.82 -26.46
C VAL D 33 28.51 -6.14 -25.38
N VAL D 34 29.07 -5.15 -24.69
CA VAL D 34 28.33 -4.46 -23.64
C VAL D 34 28.62 -2.96 -23.67
N GLU D 35 27.55 -2.16 -23.63
CA GLU D 35 27.68 -0.70 -23.68
C GLU D 35 27.53 -0.04 -22.30
N LYS D 36 28.53 0.75 -21.96
CA LYS D 36 28.56 1.47 -20.69
C LYS D 36 27.28 2.23 -20.40
N ASN D 37 26.64 2.77 -21.43
CA ASN D 37 25.41 3.53 -21.22
C ASN D 37 24.15 2.75 -20.92
N SER D 38 24.02 1.57 -21.50
CA SER D 38 22.83 0.77 -21.23
C SER D 38 23.08 -0.02 -19.94
N TYR D 39 24.32 -0.50 -19.77
CA TYR D 39 24.69 -1.27 -18.59
C TYR D 39 24.45 -0.44 -17.33
N ARG D 40 24.75 0.84 -17.47
CA ARG D 40 24.59 1.83 -16.43
C ARG D 40 23.15 1.87 -15.89
N LYS D 41 22.19 1.64 -16.79
CA LYS D 41 20.78 1.68 -16.44
C LYS D 41 20.37 0.39 -15.76
N LEU D 42 21.09 -0.69 -16.06
CA LEU D 42 20.81 -1.96 -15.43
C LEU D 42 21.23 -1.81 -13.96
N VAL D 43 22.36 -1.13 -13.75
CA VAL D 43 22.90 -0.90 -12.42
C VAL D 43 21.89 -0.06 -11.64
N GLY D 44 21.38 0.99 -12.29
CA GLY D 44 20.40 1.86 -11.67
C GLY D 44 19.18 1.09 -11.19
N ASN D 45 18.70 0.14 -11.99
CA ASN D 45 17.54 -0.63 -11.57
C ASN D 45 17.86 -1.63 -10.46
N LEU D 46 19.04 -2.22 -10.48
CA LEU D 46 19.38 -3.16 -9.44
C LEU D 46 19.57 -2.40 -8.14
N TYR D 47 19.93 -1.13 -8.24
CA TYR D 47 20.11 -0.28 -7.07
C TYR D 47 18.78 -0.15 -6.34
N PHE D 48 17.72 0.12 -7.08
CA PHE D 48 16.40 0.27 -6.51
C PHE D 48 15.80 -1.06 -6.12
N VAL D 49 16.19 -2.12 -6.82
CA VAL D 49 15.64 -3.41 -6.48
C VAL D 49 16.28 -4.01 -5.25
N TYR D 50 17.58 -3.82 -5.09
CA TYR D 50 18.27 -4.37 -3.92
C TYR D 50 17.98 -3.52 -2.68
N SER D 51 17.96 -2.21 -2.83
CA SER D 51 17.68 -1.33 -1.71
C SER D 51 16.33 -1.65 -1.07
N ALA D 52 15.36 -2.01 -1.89
CA ALA D 52 14.03 -2.34 -1.40
C ALA D 52 14.03 -3.74 -0.79
N MET D 53 14.71 -4.65 -1.46
CA MET D 53 14.77 -6.03 -1.00
C MET D 53 15.47 -6.09 0.36
N GLU D 54 16.44 -5.20 0.56
CA GLU D 54 17.23 -5.16 1.79
C GLU D 54 16.60 -4.33 2.91
N GLU D 55 15.59 -3.53 2.58
CA GLU D 55 14.90 -2.73 3.57
C GLU D 55 13.82 -3.64 4.20
N GLU D 56 13.22 -4.47 3.35
CA GLU D 56 12.20 -5.41 3.79
C GLU D 56 12.81 -6.56 4.55
N MET D 57 14.06 -6.88 4.24
CA MET D 57 14.73 -7.98 4.91
C MET D 57 15.19 -7.51 6.29
N ALA D 58 15.52 -6.22 6.37
CA ALA D 58 15.97 -5.64 7.63
C ALA D 58 14.83 -5.55 8.64
N LYS D 59 13.59 -5.64 8.17
CA LYS D 59 12.45 -5.57 9.06
C LYS D 59 12.00 -6.96 9.48
N PHE D 60 12.67 -8.00 8.98
CA PHE D 60 12.31 -9.36 9.34
C PHE D 60 13.53 -10.15 9.81
N LYS D 61 14.45 -9.43 10.44
CA LYS D 61 15.69 -10.03 10.97
C LYS D 61 15.39 -11.14 11.98
N ASP D 62 14.15 -11.21 12.45
CA ASP D 62 13.76 -12.22 13.43
C ASP D 62 12.56 -13.08 13.01
N HIS D 63 11.88 -12.68 11.94
CA HIS D 63 10.73 -13.43 11.46
C HIS D 63 11.03 -14.91 11.55
N PRO D 64 10.03 -15.73 11.94
CA PRO D 64 10.23 -17.19 12.06
C PRO D 64 10.96 -17.82 10.86
N ILE D 65 10.48 -17.49 9.67
CA ILE D 65 11.03 -18.02 8.43
C ILE D 65 12.23 -17.20 7.91
N LEU D 66 11.96 -15.97 7.52
CA LEU D 66 12.98 -15.07 6.98
C LEU D 66 14.18 -14.82 7.89
N SER D 67 14.15 -15.39 9.08
CA SER D 67 15.23 -15.21 10.05
C SER D 67 16.47 -15.98 9.64
N HIS D 68 16.27 -17.20 9.15
CA HIS D 68 17.37 -18.06 8.75
C HIS D 68 18.22 -17.59 7.57
N ILE D 69 17.62 -16.98 6.55
CA ILE D 69 18.44 -16.52 5.44
C ILE D 69 18.76 -15.04 5.53
N TYR D 70 18.88 -14.54 6.75
CA TYR D 70 19.22 -13.15 6.95
C TYR D 70 20.73 -13.08 7.09
N PHE D 71 21.41 -12.69 6.00
CA PHE D 71 22.86 -12.58 5.96
C PHE D 71 23.25 -11.20 5.44
N PRO D 72 23.30 -10.20 6.33
CA PRO D 72 23.66 -8.85 5.90
C PRO D 72 25.00 -8.74 5.17
N GLU D 73 25.80 -9.79 5.15
CA GLU D 73 27.08 -9.76 4.45
C GLU D 73 26.85 -9.70 2.95
N LEU D 74 25.67 -10.13 2.53
CA LEU D 74 25.28 -10.16 1.13
C LEU D 74 24.78 -8.82 0.60
N ASN D 75 24.42 -7.90 1.49
CA ASN D 75 23.90 -6.63 1.03
C ASN D 75 24.66 -5.92 -0.09
N ARG D 76 23.93 -5.66 -1.16
CA ARG D 76 24.49 -5.02 -2.35
C ARG D 76 24.22 -3.53 -2.47
N LYS D 77 23.24 -3.01 -1.74
CA LYS D 77 22.94 -1.57 -1.86
C LYS D 77 24.20 -0.74 -1.84
N GLN D 78 24.99 -0.92 -0.79
CA GLN D 78 26.24 -0.18 -0.61
C GLN D 78 27.11 -0.21 -1.87
N SER D 79 27.45 -1.41 -2.35
CA SER D 79 28.29 -1.52 -3.53
C SER D 79 27.65 -0.95 -4.81
N LEU D 80 26.34 -1.08 -4.98
CA LEU D 80 25.69 -0.54 -6.17
C LEU D 80 25.88 0.97 -6.21
N GLU D 81 25.88 1.60 -5.04
CA GLU D 81 26.08 3.04 -4.98
C GLU D 81 27.49 3.35 -5.45
N GLN D 82 28.45 2.49 -5.11
CA GLN D 82 29.83 2.70 -5.53
C GLN D 82 29.93 2.64 -7.05
N ASP D 83 29.26 1.67 -7.65
CA ASP D 83 29.26 1.54 -9.10
C ASP D 83 28.51 2.71 -9.76
N LEU D 84 27.43 3.19 -9.14
CA LEU D 84 26.67 4.32 -9.69
C LEU D 84 27.51 5.60 -9.72
N GLN D 85 28.32 5.78 -8.69
CA GLN D 85 29.17 6.95 -8.62
C GLN D 85 30.21 6.84 -9.73
N PHE D 86 30.55 5.60 -10.08
CA PHE D 86 31.52 5.34 -11.15
C PHE D 86 30.96 5.65 -12.55
N TYR D 87 29.75 5.18 -12.83
CA TYR D 87 29.13 5.39 -14.14
C TYR D 87 28.45 6.74 -14.36
N TYR D 88 28.02 7.37 -13.28
CA TYR D 88 27.31 8.64 -13.38
C TYR D 88 28.06 9.83 -12.79
N GLY D 89 29.19 9.57 -12.14
CA GLY D 89 29.93 10.66 -11.54
C GLY D 89 29.46 11.00 -10.13
N SER D 90 30.13 11.97 -9.52
CA SER D 90 29.82 12.41 -8.16
C SER D 90 28.34 12.72 -7.85
N ASN D 91 27.60 13.26 -8.82
CA ASN D 91 26.20 13.58 -8.61
C ASN D 91 25.23 12.49 -9.07
N TRP D 92 25.55 11.23 -8.75
CA TRP D 92 24.71 10.09 -9.15
C TRP D 92 23.30 10.08 -8.59
N ARG D 93 23.12 10.61 -7.39
CA ARG D 93 21.83 10.61 -6.73
C ARG D 93 20.75 11.35 -7.50
N GLN D 94 21.13 12.45 -8.15
CA GLN D 94 20.16 13.23 -8.91
C GLN D 94 20.19 12.90 -10.41
N GLU D 95 20.74 11.73 -10.74
CA GLU D 95 20.83 11.29 -12.13
C GLU D 95 20.28 9.89 -12.32
N VAL D 96 20.43 9.03 -11.32
CA VAL D 96 19.91 7.66 -11.39
C VAL D 96 18.42 7.69 -11.71
N LYS D 97 17.95 6.69 -12.45
CA LYS D 97 16.56 6.63 -12.82
C LYS D 97 16.12 5.18 -12.75
N ILE D 98 14.82 4.95 -12.63
CA ILE D 98 14.27 3.61 -12.57
C ILE D 98 13.31 3.46 -13.76
N SER D 99 13.38 2.33 -14.45
CA SER D 99 12.54 2.07 -15.62
C SER D 99 11.28 1.30 -15.23
N ALA D 100 10.29 1.32 -16.11
CA ALA D 100 9.04 0.63 -15.86
C ALA D 100 9.29 -0.75 -15.31
N ALA D 101 10.07 -1.55 -16.02
CA ALA D 101 10.34 -2.92 -15.56
C ALA D 101 10.96 -2.92 -14.18
N GLY D 102 11.79 -1.91 -13.89
CA GLY D 102 12.43 -1.83 -12.59
C GLY D 102 11.45 -1.52 -11.47
N GLN D 103 10.58 -0.53 -11.71
CA GLN D 103 9.59 -0.13 -10.73
C GLN D 103 8.73 -1.34 -10.43
N ALA D 104 8.38 -2.09 -11.47
CA ALA D 104 7.57 -3.27 -11.29
C ALA D 104 8.24 -4.29 -10.39
N TYR D 105 9.55 -4.47 -10.55
CA TYR D 105 10.31 -5.42 -9.73
C TYR D 105 10.21 -5.02 -8.26
N VAL D 106 10.56 -3.77 -7.96
CA VAL D 106 10.50 -3.24 -6.60
C VAL D 106 9.09 -3.43 -6.06
N ASP D 107 8.11 -2.83 -6.73
CA ASP D 107 6.72 -2.94 -6.34
C ASP D 107 6.37 -4.35 -5.87
N ARG D 108 6.89 -5.36 -6.56
CA ARG D 108 6.58 -6.72 -6.15
C ARG D 108 7.27 -7.13 -4.86
N VAL D 109 8.47 -6.62 -4.62
CA VAL D 109 9.17 -6.97 -3.39
C VAL D 109 8.38 -6.33 -2.25
N ARG D 110 8.09 -5.04 -2.40
CA ARG D 110 7.33 -4.31 -1.39
C ARG D 110 6.05 -5.07 -1.08
N GLN D 111 5.38 -5.54 -2.14
CA GLN D 111 4.12 -6.27 -2.03
C GLN D 111 4.23 -7.61 -1.32
N VAL D 112 5.27 -8.37 -1.63
CA VAL D 112 5.47 -9.67 -1.00
C VAL D 112 5.86 -9.48 0.47
N ALA D 113 6.44 -8.33 0.78
CA ALA D 113 6.84 -8.04 2.15
C ALA D 113 5.61 -7.82 3.03
N ALA D 114 4.45 -7.67 2.39
CA ALA D 114 3.19 -7.43 3.09
C ALA D 114 2.22 -8.63 3.05
N THR D 115 1.86 -9.07 1.85
CA THR D 115 0.92 -10.18 1.70
C THR D 115 1.49 -11.54 2.11
N ALA D 116 2.77 -11.77 1.82
CA ALA D 116 3.41 -13.05 2.16
C ALA D 116 4.94 -12.90 2.27
N PRO D 117 5.42 -12.33 3.39
CA PRO D 117 6.85 -12.11 3.63
C PRO D 117 7.78 -13.31 3.48
N GLU D 118 7.24 -14.53 3.47
CA GLU D 118 8.11 -15.69 3.33
C GLU D 118 8.48 -15.94 1.87
N LEU D 119 7.81 -15.25 0.96
CA LEU D 119 8.09 -15.37 -0.46
C LEU D 119 9.36 -14.58 -0.76
N LEU D 120 9.81 -13.82 0.23
CA LEU D 120 11.04 -13.04 0.06
C LEU D 120 12.18 -14.05 -0.05
N VAL D 121 11.92 -15.29 0.36
CA VAL D 121 12.93 -16.32 0.27
C VAL D 121 13.33 -16.50 -1.19
N ALA D 122 12.35 -16.41 -2.08
CA ALA D 122 12.55 -16.54 -3.54
C ALA D 122 13.42 -15.41 -4.09
N HIS D 123 13.11 -14.18 -3.68
CA HIS D 123 13.85 -13.02 -4.13
C HIS D 123 15.30 -13.03 -3.63
N SER D 124 15.51 -13.57 -2.43
CA SER D 124 16.84 -13.63 -1.83
C SER D 124 17.67 -14.65 -2.60
N TYR D 125 17.04 -15.76 -2.98
CA TYR D 125 17.67 -16.82 -3.73
C TYR D 125 18.05 -16.36 -5.14
N THR D 126 17.04 -15.94 -5.89
CA THR D 126 17.21 -15.49 -7.26
C THR D 126 18.35 -14.50 -7.43
N ARG D 127 18.39 -13.46 -6.60
CA ARG D 127 19.46 -12.47 -6.70
C ARG D 127 20.78 -12.88 -6.02
N TYR D 128 20.83 -12.81 -4.68
CA TYR D 128 22.02 -13.13 -3.90
C TYR D 128 22.76 -14.43 -4.19
N LEU D 129 22.05 -15.55 -4.28
CA LEU D 129 22.74 -16.81 -4.55
C LEU D 129 23.27 -16.81 -5.98
N GLY D 130 22.62 -16.07 -6.87
CA GLY D 130 23.08 -15.99 -8.24
C GLY D 130 24.32 -15.11 -8.32
N ASP D 131 24.28 -13.95 -7.67
CA ASP D 131 25.44 -13.04 -7.66
C ASP D 131 26.67 -13.79 -7.15
N LEU D 132 26.44 -14.70 -6.20
CA LEU D 132 27.51 -15.50 -5.59
C LEU D 132 28.01 -16.62 -6.49
N SER D 133 27.15 -17.11 -7.38
CA SER D 133 27.54 -18.20 -8.26
C SER D 133 28.13 -17.77 -9.60
N GLY D 134 27.53 -16.79 -10.26
CA GLY D 134 28.06 -16.32 -11.53
C GLY D 134 28.83 -15.03 -11.35
N GLY D 135 29.06 -14.66 -10.10
CA GLY D 135 29.77 -13.43 -9.78
C GLY D 135 31.06 -13.15 -10.53
N GLN D 136 32.02 -14.07 -10.44
CA GLN D 136 33.29 -13.85 -11.12
C GLN D 136 33.18 -13.93 -12.63
N ILE D 137 32.40 -14.89 -13.14
CA ILE D 137 32.22 -15.02 -14.57
C ILE D 137 31.78 -13.67 -15.16
N LEU D 138 30.71 -13.12 -14.62
CA LEU D 138 30.16 -11.84 -15.07
C LEU D 138 31.11 -10.68 -14.90
N LYS D 139 31.85 -10.66 -13.79
CA LYS D 139 32.79 -9.59 -13.53
C LYS D 139 33.91 -9.54 -14.58
N LYS D 140 34.50 -10.70 -14.87
CA LYS D 140 35.58 -10.75 -15.85
C LYS D 140 35.09 -10.22 -17.20
N ILE D 141 33.93 -10.70 -17.64
CA ILE D 141 33.36 -10.27 -18.90
C ILE D 141 33.05 -8.77 -18.92
N ALA D 142 32.54 -8.25 -17.81
CA ALA D 142 32.22 -6.82 -17.72
C ALA D 142 33.50 -5.96 -17.76
N GLN D 143 34.54 -6.43 -17.09
CA GLN D 143 35.82 -5.73 -17.06
C GLN D 143 36.41 -5.66 -18.46
N ASN D 144 36.47 -6.81 -19.12
CA ASN D 144 37.02 -6.90 -20.47
C ASN D 144 36.18 -6.13 -21.49
N ALA D 145 34.87 -6.38 -21.51
CA ALA D 145 33.98 -5.72 -22.45
C ALA D 145 34.06 -4.20 -22.45
N MET D 146 34.16 -3.61 -21.26
CA MET D 146 34.22 -2.15 -21.14
C MET D 146 35.57 -1.61 -20.71
N ASN D 147 36.58 -2.48 -20.67
CA ASN D 147 37.93 -2.07 -20.28
C ASN D 147 37.88 -1.38 -18.92
N LEU D 148 37.43 -2.11 -17.92
CA LEU D 148 37.31 -1.61 -16.56
C LEU D 148 38.38 -2.13 -15.61
N HIS D 149 39.30 -1.25 -15.22
CA HIS D 149 40.36 -1.63 -14.28
C HIS D 149 39.94 -1.11 -12.93
N ASP D 150 40.01 0.22 -12.80
CA ASP D 150 39.66 0.97 -11.58
C ASP D 150 38.15 1.05 -11.31
N GLY D 151 37.67 0.22 -10.39
CA GLY D 151 36.25 0.24 -10.05
C GLY D 151 35.27 -0.06 -11.17
N GLY D 152 33.98 0.11 -10.86
CA GLY D 152 32.94 -0.16 -11.84
C GLY D 152 32.37 -1.56 -11.71
N THR D 153 32.97 -2.38 -10.85
CA THR D 153 32.53 -3.77 -10.65
C THR D 153 32.30 -4.19 -9.17
N ALA D 154 32.14 -3.21 -8.28
CA ALA D 154 31.94 -3.48 -6.85
C ALA D 154 30.79 -4.47 -6.58
N PHE D 155 29.70 -4.31 -7.31
CA PHE D 155 28.53 -5.15 -7.18
C PHE D 155 28.85 -6.65 -7.19
N TYR D 156 29.89 -7.03 -7.91
CA TYR D 156 30.25 -8.45 -8.01
C TYR D 156 31.17 -8.92 -6.89
N GLU D 157 31.91 -7.99 -6.28
CA GLU D 157 32.82 -8.39 -5.21
C GLU D 157 32.13 -8.41 -3.85
N PHE D 158 32.23 -9.54 -3.15
CA PHE D 158 31.61 -9.63 -1.83
C PHE D 158 32.66 -9.50 -0.74
N ALA D 159 33.14 -8.27 -0.56
CA ALA D 159 34.17 -7.96 0.43
C ALA D 159 33.96 -8.60 1.80
N ASP D 160 32.72 -8.57 2.30
CA ASP D 160 32.44 -9.13 3.62
C ASP D 160 32.45 -10.65 3.69
N ILE D 161 32.74 -11.32 2.57
CA ILE D 161 32.76 -12.78 2.60
C ILE D 161 34.09 -13.34 2.09
N ASP D 162 34.86 -13.92 3.00
CA ASP D 162 36.17 -14.50 2.70
C ASP D 162 36.08 -15.79 1.89
N ASP D 163 35.40 -16.80 2.46
CA ASP D 163 35.21 -18.06 1.77
C ASP D 163 33.77 -18.08 1.28
N GLU D 164 33.59 -18.03 -0.04
CA GLU D 164 32.26 -17.99 -0.62
C GLU D 164 31.67 -19.35 -0.96
N LYS D 165 32.52 -20.34 -1.22
CA LYS D 165 31.99 -21.67 -1.53
C LYS D 165 31.39 -22.27 -0.27
N ALA D 166 31.88 -21.81 0.88
CA ALA D 166 31.41 -22.27 2.17
C ALA D 166 30.13 -21.52 2.51
N PHE D 167 30.10 -20.22 2.21
CA PHE D 167 28.92 -19.41 2.47
C PHE D 167 27.77 -19.98 1.65
N LYS D 168 28.07 -20.34 0.41
CA LYS D 168 27.09 -20.90 -0.51
C LYS D 168 26.47 -22.13 0.16
N ASN D 169 27.27 -22.85 0.93
CA ASN D 169 26.80 -24.03 1.65
C ASN D 169 25.87 -23.65 2.81
N THR D 170 26.36 -22.78 3.67
CA THR D 170 25.59 -22.32 4.82
C THR D 170 24.24 -21.81 4.31
N TYR D 171 24.26 -21.06 3.20
CA TYR D 171 23.04 -20.51 2.63
C TYR D 171 22.10 -21.58 2.08
N ARG D 172 22.64 -22.65 1.52
CA ARG D 172 21.80 -23.73 1.00
C ARG D 172 21.16 -24.49 2.14
N GLN D 173 21.93 -24.73 3.20
CA GLN D 173 21.43 -25.43 4.36
C GLN D 173 20.35 -24.58 5.01
N ALA D 174 20.58 -23.28 5.07
CA ALA D 174 19.61 -22.36 5.65
C ALA D 174 18.30 -22.57 4.91
N MET D 175 18.40 -22.84 3.61
CA MET D 175 17.25 -23.08 2.75
C MET D 175 16.52 -24.32 3.21
N ASN D 176 17.27 -25.41 3.36
CA ASN D 176 16.70 -26.68 3.77
C ASN D 176 16.24 -26.67 5.23
N ASP D 177 16.92 -25.88 6.05
CA ASP D 177 16.56 -25.77 7.45
C ASP D 177 15.58 -24.62 7.65
N LEU D 178 14.53 -24.62 6.85
CA LEU D 178 13.49 -23.59 6.90
C LEU D 178 12.18 -24.25 7.36
N PRO D 179 11.52 -23.65 8.35
CA PRO D 179 10.25 -24.16 8.90
C PRO D 179 9.03 -23.92 8.01
N ILE D 180 8.94 -24.61 6.88
CA ILE D 180 7.80 -24.45 5.98
C ILE D 180 7.36 -25.78 5.38
N ASP D 181 6.13 -25.81 4.89
CA ASP D 181 5.56 -27.03 4.29
C ASP D 181 5.66 -27.03 2.76
N GLN D 182 5.64 -28.22 2.19
CA GLN D 182 5.72 -28.39 0.75
C GLN D 182 4.69 -27.59 -0.03
N ALA D 183 3.77 -26.96 0.69
CA ALA D 183 2.72 -26.16 0.04
C ALA D 183 3.25 -24.76 -0.28
N THR D 184 3.86 -24.12 0.71
CA THR D 184 4.42 -22.79 0.52
C THR D 184 5.77 -22.95 -0.17
N ALA D 185 6.43 -24.09 0.08
CA ALA D 185 7.72 -24.38 -0.53
C ALA D 185 7.61 -24.18 -2.04
N GLU D 186 6.50 -24.68 -2.59
CA GLU D 186 6.25 -24.59 -4.02
C GLU D 186 5.76 -23.21 -4.46
N ARG D 187 5.30 -22.40 -3.51
CA ARG D 187 4.85 -21.05 -3.83
C ARG D 187 6.11 -20.16 -3.95
N ILE D 188 7.18 -20.63 -3.32
CA ILE D 188 8.46 -19.93 -3.34
C ILE D 188 9.12 -20.21 -4.68
N VAL D 189 9.19 -21.48 -5.06
CA VAL D 189 9.79 -21.85 -6.34
C VAL D 189 9.08 -21.06 -7.42
N ASP D 190 7.75 -21.12 -7.41
CA ASP D 190 6.95 -20.39 -8.41
C ASP D 190 7.31 -18.91 -8.37
N GLU D 191 7.50 -18.40 -7.16
CA GLU D 191 7.85 -17.00 -6.99
C GLU D 191 9.23 -16.70 -7.61
N ALA D 192 10.13 -17.68 -7.53
CA ALA D 192 11.47 -17.54 -8.07
C ALA D 192 11.41 -17.38 -9.59
N ASN D 193 10.70 -18.29 -10.25
CA ASN D 193 10.56 -18.25 -11.70
C ASN D 193 10.09 -16.87 -12.12
N ASP D 194 9.26 -16.23 -11.30
CA ASP D 194 8.79 -14.91 -11.67
C ASP D 194 9.84 -13.84 -11.44
N ALA D 195 10.72 -14.06 -10.47
CA ALA D 195 11.78 -13.09 -10.21
C ALA D 195 12.61 -13.10 -11.49
N PHE D 196 12.83 -14.29 -12.04
CA PHE D 196 13.57 -14.44 -13.28
C PHE D 196 12.93 -13.64 -14.40
N ALA D 197 11.64 -13.85 -14.63
CA ALA D 197 10.91 -13.14 -15.66
C ALA D 197 11.07 -11.64 -15.48
N MET D 198 11.05 -11.19 -14.23
CA MET D 198 11.21 -9.76 -13.99
C MET D 198 12.59 -9.27 -14.37
N ASN D 199 13.63 -10.06 -14.11
CA ASN D 199 14.98 -9.67 -14.48
C ASN D 199 15.10 -9.61 -16.00
N MET D 200 14.63 -10.65 -16.67
CA MET D 200 14.66 -10.69 -18.13
C MET D 200 13.96 -9.45 -18.66
N LYS D 201 12.81 -9.15 -18.07
CA LYS D 201 12.02 -7.99 -18.46
C LYS D 201 12.89 -6.73 -18.46
N MET D 202 13.74 -6.58 -17.44
CA MET D 202 14.63 -5.40 -17.39
C MET D 202 15.67 -5.48 -18.51
N PHE D 203 16.23 -6.66 -18.77
CA PHE D 203 17.22 -6.80 -19.84
C PHE D 203 16.65 -6.37 -21.19
N ASN D 204 15.50 -6.93 -21.56
CA ASN D 204 14.87 -6.61 -22.84
C ASN D 204 14.56 -5.12 -23.00
N GLU D 205 14.43 -4.40 -21.89
CA GLU D 205 14.18 -2.98 -21.96
C GLU D 205 15.41 -2.29 -22.55
N LEU D 206 16.57 -2.90 -22.37
CA LEU D 206 17.79 -2.30 -22.87
C LEU D 206 18.17 -2.75 -24.28
N GLU D 207 17.42 -3.69 -24.84
CA GLU D 207 17.75 -4.17 -26.17
C GLU D 207 17.95 -3.03 -27.16
N GLY D 208 16.97 -2.12 -27.23
CA GLY D 208 17.07 -1.00 -28.15
C GLY D 208 18.31 -0.15 -27.96
N ASN D 209 18.63 0.18 -26.71
CA ASN D 209 19.80 1.00 -26.40
C ASN D 209 21.02 0.30 -26.95
N LEU D 210 21.08 -1.01 -26.75
CA LEU D 210 22.20 -1.79 -27.22
C LEU D 210 22.32 -1.76 -28.76
N ILE D 211 21.18 -1.91 -29.45
CA ILE D 211 21.13 -1.89 -30.91
C ILE D 211 21.75 -0.61 -31.44
N LYS D 212 21.41 0.53 -30.83
CA LYS D 212 21.98 1.79 -31.30
C LYS D 212 23.49 1.87 -31.09
N ALA D 213 23.96 1.57 -29.89
CA ALA D 213 25.39 1.63 -29.58
C ALA D 213 26.19 0.74 -30.53
N ILE D 214 25.64 -0.43 -30.83
CA ILE D 214 26.30 -1.37 -31.73
C ILE D 214 26.36 -0.75 -33.12
N GLY D 215 25.22 -0.24 -33.57
CA GLY D 215 25.13 0.38 -34.87
C GLY D 215 26.19 1.44 -35.02
N ILE D 216 26.30 2.31 -34.02
CA ILE D 216 27.28 3.39 -34.03
C ILE D 216 28.73 2.89 -33.99
N MET D 217 28.98 1.81 -33.23
CA MET D 217 30.33 1.28 -33.13
C MET D 217 30.79 0.75 -34.49
N VAL D 218 29.95 -0.06 -35.12
CA VAL D 218 30.28 -0.62 -36.43
C VAL D 218 30.36 0.47 -37.50
N PHE D 219 29.46 1.46 -37.42
CA PHE D 219 29.45 2.56 -38.38
C PHE D 219 30.78 3.30 -38.31
N ASN D 220 31.29 3.50 -37.09
CA ASN D 220 32.55 4.19 -36.93
C ASN D 220 33.66 3.32 -37.49
N SER D 221 33.53 2.01 -37.32
CA SER D 221 34.54 1.11 -37.82
C SER D 221 34.63 1.25 -39.34
N LEU D 222 33.48 1.24 -39.99
CA LEU D 222 33.37 1.38 -41.43
C LEU D 222 33.89 2.74 -41.93
N THR D 223 34.38 3.57 -41.00
CA THR D 223 34.94 4.89 -41.33
C THR D 223 36.21 5.26 -40.52
P PO4 E . -30.61 19.20 21.05
O1 PO4 E . -30.45 19.70 22.43
O2 PO4 E . -31.35 17.91 21.06
O3 PO4 E . -29.27 18.99 20.43
O4 PO4 E . -31.36 20.20 20.23
CL CL F . -22.07 23.37 16.14
CL CL G . -3.71 14.36 9.94
CHA HEM H . -23.77 19.78 14.30
CHB HEM H . -20.46 17.30 11.80
CHC HEM H . -20.92 20.59 8.25
CHD HEM H . -25.12 21.92 10.14
C1A HEM H . -22.73 18.88 14.01
C2A HEM H . -22.13 17.92 14.94
C3A HEM H . -21.16 17.26 14.25
C4A HEM H . -21.22 17.76 12.87
CMA HEM H . -20.21 16.19 14.74
CAA HEM H . -22.57 17.69 16.38
CBA HEM H . -22.10 18.75 17.40
CGA HEM H . -22.50 18.51 18.74
O1A HEM H . -21.59 18.01 19.52
O2A HEM H . -23.65 18.72 19.17
C1B HEM H . -20.26 18.01 10.60
C2B HEM H . -19.21 17.70 9.62
C3B HEM H . -19.38 18.59 8.60
C4B HEM H . -20.47 19.47 8.99
CMB HEM H . -18.20 16.59 9.77
CAB HEM H . -18.65 18.66 7.27
CBB HEM H . -17.14 18.98 7.38
C1C HEM H . -22.15 21.18 8.40
C2C HEM H . -22.78 22.05 7.43
C3C HEM H . -23.84 22.60 8.07
C4C HEM H . -24.03 21.84 9.29
CMC HEM H . -22.32 22.26 6.00
CAC HEM H . -24.68 23.79 7.63
CBC HEM H . -25.89 23.34 6.77
C1D HEM H . -25.16 21.43 11.46
C2D HEM H . -26.23 21.71 12.42
C3D HEM H . -25.87 21.09 13.56
C4D HEM H . -24.55 20.46 13.33
CMD HEM H . -27.42 22.56 12.08
CAD HEM H . -26.60 20.98 14.89
CBD HEM H . -26.12 22.08 15.93
CGD HEM H . -26.58 21.82 17.25
O1D HEM H . -26.56 20.62 17.73
O2D HEM H . -27.01 22.77 17.97
NA HEM H . -22.14 18.78 12.77
NB HEM H . -21.02 19.08 10.20
NC HEM H . -22.95 21.03 9.54
ND HEM H . -24.17 20.63 12.05
FE HEM H . -22.57 19.89 11.16
C1 IPA I . -22.39 18.72 0.83
C2 IPA I . -22.24 18.78 2.25
C3 IPA I . -22.64 20.11 2.76
O2 IPA I . -23.02 17.72 2.81
C1 IPA J . -21.31 2.16 12.81
C2 IPA J . -22.49 1.90 13.59
C3 IPA J . -22.68 0.43 13.76
O2 IPA J . -22.36 2.60 14.85
P PO4 K . 25.69 15.97 29.54
O1 PO4 K . 24.99 15.32 28.41
O2 PO4 K . 27.13 15.58 29.54
O3 PO4 K . 25.08 15.55 30.83
O4 PO4 K . 25.59 17.44 29.41
CL CL L . 27.54 12.07 19.13
CHA HEM M . 23.52 13.84 20.23
CHB HEM M . 20.30 11.61 17.38
CHC HEM M . 21.61 14.64 13.80
CHD HEM M . 23.61 17.52 17.09
C1A HEM M . 22.60 12.89 19.76
C2A HEM M . 22.17 11.70 20.48
C3A HEM M . 21.36 11.01 19.62
C4A HEM M . 21.17 11.87 18.45
CMA HEM M . 20.75 9.66 19.81
CAA HEM M . 22.57 11.34 21.89
CBA HEM M . 23.94 10.61 22.02
CGA HEM M . 24.16 9.97 23.26
O1A HEM M . 24.73 10.68 24.18
O2A HEM M . 23.84 8.78 23.48
C1B HEM M . 20.35 12.27 16.12
C2B HEM M . 19.57 11.89 14.97
C3B HEM M . 19.95 12.71 13.94
C4B HEM M . 20.95 13.62 14.51
CMB HEM M . 18.52 10.78 14.97
CAB HEM M . 19.46 12.74 12.51
CBB HEM M . 19.75 11.43 11.72
C1C HEM M . 22.32 15.68 14.36
C2C HEM M . 22.86 16.85 13.66
C3C HEM M . 23.45 17.62 14.59
C4C HEM M . 23.24 16.99 15.86
CMC HEM M . 22.74 17.09 12.16
CAC HEM M . 24.22 18.92 14.37
CBC HEM M . 23.27 20.15 14.45
C1D HEM M . 23.79 16.77 18.25
C2D HEM M . 24.46 17.27 19.45
C3D HEM M . 24.55 16.20 20.27
C4D HEM M . 23.78 15.09 19.64
CMD HEM M . 24.91 18.69 19.61
CAD HEM M . 25.24 16.05 21.61
CBD HEM M . 26.57 15.20 21.51
CGD HEM M . 27.18 15.08 22.75
O1D HEM M . 26.78 14.17 23.57
O2D HEM M . 28.13 15.84 23.09
NA HEM M . 21.99 12.97 18.52
NB HEM M . 21.14 13.36 15.85
NC HEM M . 22.63 15.76 15.72
ND HEM M . 23.36 15.46 18.42
FE HEM M . 22.29 14.37 17.13
C1 IPA N . 17.76 19.44 9.99
C2 IPA N . 17.44 18.27 10.75
C3 IPA N . 18.65 17.52 11.14
O2 IPA N . 16.67 18.71 11.90
C1 IPA O . 8.55 10.01 25.55
C2 IPA O . 8.78 8.79 26.27
C3 IPA O . 7.49 8.14 26.62
O2 IPA O . 9.60 7.95 25.44
CL CL P . -28.40 -17.42 -12.25
CHA HEM Q . -23.82 -19.91 -12.74
CHB HEM Q . -20.64 -16.35 -12.08
CHC HEM Q . -21.16 -15.10 -16.76
CHD HEM Q . -23.36 -19.31 -17.53
C1A HEM Q . -22.99 -18.98 -12.11
C2A HEM Q . -22.80 -18.87 -10.68
C3A HEM Q . -21.96 -17.82 -10.47
C4A HEM Q . -21.58 -17.34 -11.81
CMA HEM Q . -21.47 -17.24 -9.18
CAA HEM Q . -23.43 -19.77 -9.63
CBA HEM Q . -24.86 -19.35 -9.20
CGA HEM Q . -25.38 -20.06 -8.09
O1A HEM Q . -25.83 -21.24 -8.35
O2A HEM Q . -25.40 -19.60 -6.92
C1B HEM Q . -20.47 -15.70 -13.31
C2B HEM Q . -19.59 -14.56 -13.51
C3B HEM Q . -19.76 -14.18 -14.82
C4B HEM Q . -20.70 -15.13 -15.42
CMB HEM Q . -18.70 -13.99 -12.43
CAB HEM Q . -19.09 -13.04 -15.56
CBB HEM Q . -19.33 -11.63 -14.96
C1C HEM Q . -21.77 -16.15 -17.41
C2C HEM Q . -21.96 -16.28 -18.87
C3C HEM Q . -22.71 -17.40 -19.04
C4C HEM Q . -22.81 -18.05 -17.76
CMC HEM Q . -21.43 -15.30 -19.90
CAC HEM Q . -23.35 -17.89 -20.34
CBC HEM Q . -22.65 -19.15 -20.92
C1D HEM Q . -23.73 -19.83 -16.29
C2D HEM Q . -24.55 -21.04 -16.11
C3D HEM Q . -24.80 -21.10 -14.78
C4D HEM Q . -23.98 -20.05 -14.14
CMD HEM Q . -24.94 -21.96 -17.24
CAD HEM Q . -25.67 -22.05 -14.02
CBD HEM Q . -27.18 -21.57 -13.91
CGD HEM Q . -28.00 -22.53 -13.28
O1D HEM Q . -27.70 -22.92 -12.09
O2D HEM Q . -29.01 -23.02 -13.85
NA HEM Q . -22.28 -18.02 -12.79
NB HEM Q . -21.10 -16.08 -14.49
NC HEM Q . -22.30 -17.28 -16.75
ND HEM Q . -23.40 -19.26 -15.07
FE HEM Q . -22.29 -17.65 -14.78
C1 IPA R . -15.80 -14.89 -21.45
C2 IPA R . -15.67 -15.40 -20.11
C3 IPA R . -17.01 -15.55 -19.48
O2 IPA R . -14.96 -16.63 -20.18
C1 IPA S . -11.00 -23.07 -3.58
C2 IPA S . -10.49 -22.31 -2.49
C3 IPA S . -9.29 -21.51 -2.91
O2 IPA S . -11.60 -21.49 -2.05
CL CL T . 21.34 -23.77 -13.01
CHA HEM U . 23.79 -19.97 -10.84
CHB HEM U . 20.26 -16.70 -11.00
CHC HEM U . 22.21 -14.83 -15.01
CHD HEM U . 25.96 -17.77 -14.58
C1A HEM U . 22.66 -19.24 -10.49
C2A HEM U . 21.82 -19.49 -9.36
C3A HEM U . 20.83 -18.55 -9.38
C4A HEM U . 21.07 -17.74 -10.58
CMA HEM U . 19.72 -18.32 -8.40
CAA HEM U . 22.06 -20.57 -8.32
CBA HEM U . 21.51 -21.97 -8.67
CGA HEM U . 21.45 -22.89 -7.59
O1A HEM U . 22.59 -23.29 -7.11
O2A HEM U . 20.37 -23.30 -7.11
C1B HEM U . 20.49 -15.90 -12.12
C2B HEM U . 19.64 -14.80 -12.51
C3B HEM U . 20.00 -14.51 -13.80
C4B HEM U . 21.31 -15.13 -13.98
CMB HEM U . 18.60 -14.14 -11.61
CAB HEM U . 19.23 -13.74 -14.84
CBB HEM U . 19.00 -12.27 -14.45
C1C HEM U . 23.31 -15.59 -15.35
C2C HEM U . 24.07 -15.47 -16.59
C3C HEM U . 25.11 -16.34 -16.46
C4C HEM U . 25.01 -16.95 -15.16
CMC HEM U . 23.73 -14.55 -17.75
CAC HEM U . 26.19 -16.67 -17.51
CBC HEM U . 27.51 -15.88 -17.26
C1D HEM U . 25.73 -18.62 -13.49
C2D HEM U . 26.68 -19.63 -13.00
C3D HEM U . 25.97 -20.37 -12.10
C4D HEM U . 24.71 -19.64 -11.85
CMD HEM U . 28.10 -19.75 -13.46
CAD HEM U . 26.29 -21.69 -11.47
CBD HEM U . 25.49 -22.86 -12.18
CGD HEM U . 26.11 -24.10 -12.03
O1D HEM U . 26.31 -24.58 -10.86
O2D HEM U . 26.47 -24.77 -13.06
NA HEM U . 22.21 -18.15 -11.22
NB HEM U . 21.54 -16.06 -13.00
NC HEM U . 23.83 -16.60 -14.54
ND HEM U . 24.56 -18.62 -12.72
FE HEM U . 23.04 -17.36 -12.87
C1 IPA V . 23.31 -9.96 -15.68
C2 IPA V . 24.50 -9.54 -16.37
C3 IPA V . 24.24 -9.37 -17.83
O2 IPA V . 24.94 -8.33 -15.74
C1 IPA W . 19.43 -9.95 2.22
C2 IPA W . 20.14 -10.93 3.02
C3 IPA W . 19.79 -10.77 4.45
O2 IPA W . 19.80 -12.24 2.51
#